data_3MNQ
#
_entry.id   3MNQ
#
_cell.length_a   88.900
_cell.length_b   147.900
_cell.length_c   153.000
_cell.angle_alpha   90.00
_cell.angle_beta   90.00
_cell.angle_gamma   90.00
#
_symmetry.space_group_name_H-M   'C 2 2 21'
#
loop_
_entity.id
_entity.type
_entity.pdbx_description
1 polymer 'Myosin-2 heavy chain'
2 non-polymer 'ADP METAVANADATE'
3 non-polymer 'MAGNESIUM ION'
4 non-polymer RESVERATROL
5 non-polymer 1,2-ETHANEDIOL
6 water water
#
_entity_poly.entity_id   1
_entity_poly.type   'polypeptide(L)'
_entity_poly.pdbx_seq_one_letter_code
;MHHHHHHHDGTEDPIHDRTSDYHKYLKVKQGDSDLFKLTVSDKRYIWYNPDPKERDSYECGEIVSETSDSFTFKTVDGQD
RQVKKDDANQRNPIKFDGVEDMSELSYLNEPAVFHNLRVRYNQDLIYTYSGLFLVAVNPFKRIPIYTQEMVDIFKGRRRN
EVAPHIFAISDVAYRSMLDDRQNQSLLITGESGAGKTENTKKVIQYLASVAGRNQANGSGVLEQQILQANPILEAFGNAK
TTRNNNSSRFGKFIEIQFNSAGFISGASIQSYLLEKSRVVFQSETERNYHIFYQLLAGATAEEKKALHLAGPESFNYLNQ
SGCVDIKGVSDSEEFKITRQAMDIVGFSQEEQMSIFKIIAGILHLGNIKFEKGAGEGAVLKDKTALNAASTVFGVNPSVL
EKALMEPRILAGRDLVAQHLNVEKSSSSRDALVKALYGRLFLWLVKKINNVLCQERKAYFIGVLDISGFEIFKVNSFEQL
CINYTNEKLQQFFNHHMFKLEQEEYLKEKINWTFIDFGLDSQATIDLIDGRQPPGILALLDEQSVFPNATDNTLITKLHS
HFSKKNAKYEEPRFSKTEFGVTHYAGQVMYEIQDWLEKNKDPLQQDLELCFKDSSDNVVTKLFNDPNIASRAKKGANFIT
VAAQYKEQLASLMATLETTNPHFVRCIIPNNKQLPAKLEDKVVLDQLRCNGVLEGIRITRKGFPNRIIYADFVKRYYLLA
PNVPRDAEDSQKATDAVLKHLNIDPEQYRFGITKIFFRAGQLARIEEAREQRLESNEPPMDFDDDIPF
;
_entity_poly.pdbx_strand_id   A
#
# COMPACT_ATOMS: atom_id res chain seq x y z
N GLU A 12 38.22 -11.35 1.79
CA GLU A 12 37.86 -10.39 2.88
C GLU A 12 36.50 -9.74 2.57
N ASP A 13 36.50 -8.69 1.76
CA ASP A 13 35.26 -7.99 1.40
C ASP A 13 34.23 -8.97 0.86
N PRO A 14 33.13 -9.16 1.60
CA PRO A 14 32.02 -10.05 1.26
C PRO A 14 31.53 -9.97 -0.19
N ILE A 15 31.39 -8.77 -0.72
CA ILE A 15 30.90 -8.63 -2.09
C ILE A 15 31.86 -9.18 -3.14
N HIS A 16 33.14 -9.28 -2.79
CA HIS A 16 34.13 -9.80 -3.73
C HIS A 16 34.50 -11.23 -3.42
N ASP A 17 33.93 -11.76 -2.34
CA ASP A 17 34.18 -13.13 -1.94
C ASP A 17 32.99 -13.99 -2.39
N ARG A 18 33.22 -14.80 -3.42
CA ARG A 18 32.18 -15.66 -3.97
C ARG A 18 31.68 -16.75 -3.02
N THR A 19 32.21 -16.79 -1.81
CA THR A 19 31.81 -17.80 -0.83
C THR A 19 30.87 -17.23 0.25
N SER A 20 30.76 -15.91 0.31
CA SER A 20 29.91 -15.27 1.32
C SER A 20 28.42 -15.47 1.07
N ASP A 21 27.62 -15.25 2.10
CA ASP A 21 26.17 -15.38 2.00
C ASP A 21 25.69 -14.31 1.03
N TYR A 22 26.39 -13.18 1.02
CA TYR A 22 26.05 -12.09 0.12
C TYR A 22 26.05 -12.60 -1.32
N HIS A 23 27.11 -13.32 -1.68
CA HIS A 23 27.24 -13.86 -3.03
C HIS A 23 26.27 -15.01 -3.27
N LYS A 24 26.08 -15.82 -2.23
CA LYS A 24 25.20 -16.96 -2.29
C LYS A 24 23.72 -16.56 -2.45
N TYR A 25 23.31 -15.50 -1.75
CA TYR A 25 21.91 -15.09 -1.81
C TYR A 25 21.54 -13.81 -2.56
N LEU A 26 22.52 -13.08 -3.07
CA LEU A 26 22.23 -11.83 -3.79
C LEU A 26 22.81 -11.68 -5.19
N LYS A 27 23.69 -12.60 -5.59
CA LYS A 27 24.33 -12.53 -6.90
C LYS A 27 23.97 -13.74 -7.77
N VAL A 28 24.07 -13.56 -9.08
CA VAL A 28 23.77 -14.64 -9.99
C VAL A 28 24.84 -15.73 -9.87
N LYS A 29 24.40 -16.98 -9.85
CA LYS A 29 25.31 -18.11 -9.72
C LYS A 29 26.19 -18.23 -10.96
N GLN A 30 27.42 -18.69 -10.75
CA GLN A 30 28.39 -18.88 -11.82
C GLN A 30 27.88 -19.93 -12.81
N GLY A 31 27.91 -19.61 -14.10
CA GLY A 31 27.46 -20.56 -15.09
C GLY A 31 28.56 -21.55 -15.44
N ASP A 32 28.20 -22.72 -15.96
CA ASP A 32 29.20 -23.72 -16.31
C ASP A 32 29.68 -23.63 -17.76
N SER A 33 30.65 -24.49 -18.08
CA SER A 33 31.23 -24.55 -19.42
C SER A 33 30.19 -24.78 -20.51
N ASP A 34 29.12 -25.48 -20.17
CA ASP A 34 28.06 -25.74 -21.15
C ASP A 34 27.28 -24.45 -21.41
N LEU A 35 27.05 -23.68 -20.35
CA LEU A 35 26.33 -22.43 -20.51
C LEU A 35 27.25 -21.49 -21.28
N PHE A 36 28.55 -21.57 -21.01
CA PHE A 36 29.51 -20.72 -21.70
C PHE A 36 29.44 -20.97 -23.20
N LYS A 37 29.31 -22.23 -23.59
CA LYS A 37 29.22 -22.60 -25.00
C LYS A 37 27.98 -21.94 -25.61
N LEU A 38 26.87 -22.02 -24.90
CA LEU A 38 25.63 -21.42 -25.38
C LEU A 38 25.72 -19.90 -25.37
N THR A 39 26.53 -19.36 -24.46
CA THR A 39 26.70 -17.92 -24.32
C THR A 39 27.57 -17.29 -25.42
N VAL A 40 28.44 -18.07 -26.03
CA VAL A 40 29.31 -17.56 -27.09
C VAL A 40 28.78 -17.90 -28.48
N SER A 41 27.63 -18.57 -28.51
CA SER A 41 26.98 -18.96 -29.76
C SER A 41 26.66 -17.74 -30.64
N ASP A 42 26.62 -17.96 -31.96
CA ASP A 42 26.31 -16.89 -32.90
C ASP A 42 24.84 -16.94 -33.32
N LYS A 43 24.13 -17.97 -32.87
CA LYS A 43 22.71 -18.11 -33.19
C LYS A 43 21.89 -16.98 -32.57
N ARG A 44 20.76 -16.67 -33.18
CA ARG A 44 19.88 -15.62 -32.67
C ARG A 44 18.49 -16.16 -32.36
N TYR A 45 17.77 -15.49 -31.46
CA TYR A 45 16.45 -15.94 -31.07
C TYR A 45 15.39 -14.86 -30.89
N ILE A 46 14.13 -15.28 -30.90
CA ILE A 46 13.02 -14.37 -30.71
C ILE A 46 12.00 -15.01 -29.78
N TRP A 47 11.25 -14.16 -29.08
CA TRP A 47 10.20 -14.61 -28.19
C TRP A 47 8.92 -14.53 -29.00
N TYR A 48 8.19 -15.63 -29.13
CA TYR A 48 6.96 -15.62 -29.91
C TYR A 48 5.82 -16.29 -29.15
N ASN A 49 4.59 -16.03 -29.61
CA ASN A 49 3.39 -16.61 -28.99
C ASN A 49 2.94 -17.87 -29.72
N PRO A 50 3.18 -19.05 -29.12
CA PRO A 50 2.76 -20.29 -29.78
C PRO A 50 1.26 -20.22 -30.09
N ASP A 51 0.51 -19.64 -29.16
CA ASP A 51 -0.93 -19.49 -29.31
C ASP A 51 -1.30 -18.01 -29.36
N PRO A 52 -1.64 -17.50 -30.57
CA PRO A 52 -2.02 -16.12 -30.85
C PRO A 52 -2.97 -15.52 -29.81
N LYS A 53 -3.84 -16.35 -29.24
CA LYS A 53 -4.77 -15.88 -28.24
C LYS A 53 -4.03 -15.52 -26.96
N GLU A 54 -3.17 -16.41 -26.50
CA GLU A 54 -2.40 -16.19 -25.28
C GLU A 54 -1.12 -15.41 -25.59
N ARG A 55 -1.26 -14.09 -25.69
CA ARG A 55 -0.15 -13.22 -26.01
C ARG A 55 0.87 -13.05 -24.87
N ASP A 56 0.56 -13.59 -23.70
CA ASP A 56 1.46 -13.51 -22.56
C ASP A 56 2.21 -14.81 -22.32
N SER A 57 1.97 -15.80 -23.19
CA SER A 57 2.66 -17.08 -23.08
C SER A 57 3.66 -17.13 -24.22
N TYR A 58 4.94 -17.08 -23.87
CA TYR A 58 5.99 -17.07 -24.86
C TYR A 58 6.86 -18.31 -24.86
N GLU A 59 7.51 -18.53 -26.00
CA GLU A 59 8.43 -19.63 -26.18
C GLU A 59 9.60 -19.01 -26.93
N CYS A 60 10.75 -19.67 -26.90
CA CYS A 60 11.93 -19.15 -27.58
C CYS A 60 12.11 -19.86 -28.92
N GLY A 61 12.28 -19.07 -29.97
CA GLY A 61 12.47 -19.66 -31.29
C GLY A 61 13.74 -19.14 -31.92
N GLU A 62 14.43 -19.99 -32.68
CA GLU A 62 15.67 -19.59 -33.33
C GLU A 62 15.40 -18.95 -34.68
N ILE A 63 16.02 -17.80 -34.91
CA ILE A 63 15.89 -17.12 -36.18
C ILE A 63 16.78 -17.88 -37.15
N VAL A 64 16.19 -18.39 -38.24
CA VAL A 64 16.99 -19.15 -39.21
C VAL A 64 17.25 -18.38 -40.51
N SER A 65 16.46 -17.36 -40.76
CA SER A 65 16.66 -16.55 -41.97
C SER A 65 16.01 -15.19 -41.79
N GLU A 66 16.31 -14.27 -42.70
CA GLU A 66 15.74 -12.95 -42.63
C GLU A 66 15.73 -12.25 -43.99
N THR A 67 14.84 -11.28 -44.14
CA THR A 67 14.73 -10.49 -45.36
C THR A 67 14.95 -9.07 -44.88
N SER A 68 14.85 -8.10 -45.78
CA SER A 68 15.05 -6.71 -45.39
C SER A 68 14.11 -6.26 -44.29
N ASP A 69 12.91 -6.84 -44.22
CA ASP A 69 11.95 -6.43 -43.20
C ASP A 69 11.22 -7.54 -42.46
N SER A 70 11.86 -8.70 -42.29
CA SER A 70 11.21 -9.80 -41.59
C SER A 70 12.16 -10.87 -41.13
N PHE A 71 11.70 -11.67 -40.18
CA PHE A 71 12.48 -12.76 -39.62
C PHE A 71 11.67 -14.03 -39.80
N THR A 72 12.38 -15.14 -39.97
CA THR A 72 11.77 -16.45 -40.09
C THR A 72 12.45 -17.25 -38.99
N PHE A 73 11.64 -17.87 -38.13
CA PHE A 73 12.18 -18.66 -37.03
C PHE A 73 11.49 -20.00 -36.88
N LYS A 74 12.14 -20.92 -36.19
CA LYS A 74 11.58 -22.24 -35.95
C LYS A 74 10.90 -22.28 -34.59
N THR A 75 9.68 -22.82 -34.55
CA THR A 75 8.95 -22.93 -33.30
C THR A 75 9.49 -24.14 -32.54
N VAL A 76 8.98 -24.36 -31.33
CA VAL A 76 9.45 -25.49 -30.54
C VAL A 76 9.09 -26.81 -31.22
N ASP A 77 7.84 -26.90 -31.69
CA ASP A 77 7.37 -28.10 -32.37
C ASP A 77 8.10 -28.36 -33.69
N GLY A 78 8.58 -27.31 -34.34
CA GLY A 78 9.31 -27.48 -35.59
C GLY A 78 8.87 -26.61 -36.75
N GLN A 79 7.60 -26.23 -36.79
CA GLN A 79 7.08 -25.40 -37.87
C GLN A 79 7.84 -24.08 -37.97
N ASP A 80 7.90 -23.51 -39.17
CA ASP A 80 8.59 -22.24 -39.39
C ASP A 80 7.60 -21.09 -39.49
N ARG A 81 7.88 -20.01 -38.77
CA ARG A 81 7.02 -18.84 -38.79
C ARG A 81 7.79 -17.61 -39.23
N GLN A 82 7.08 -16.65 -39.82
CA GLN A 82 7.69 -15.41 -40.27
C GLN A 82 7.02 -14.26 -39.54
N VAL A 83 7.75 -13.16 -39.35
CA VAL A 83 7.20 -12.00 -38.67
C VAL A 83 7.94 -10.75 -39.11
N LYS A 84 7.24 -9.62 -39.14
CA LYS A 84 7.86 -8.37 -39.52
C LYS A 84 8.87 -8.01 -38.42
N LYS A 85 9.97 -7.38 -38.81
CA LYS A 85 10.99 -7.02 -37.84
C LYS A 85 10.48 -5.93 -36.90
N ASP A 86 9.44 -5.21 -37.32
CA ASP A 86 8.86 -4.15 -36.50
C ASP A 86 7.98 -4.71 -35.40
N ASP A 87 7.51 -5.95 -35.58
CA ASP A 87 6.65 -6.58 -34.58
C ASP A 87 7.36 -7.73 -33.90
N ALA A 88 8.65 -7.85 -34.14
CA ALA A 88 9.44 -8.93 -33.55
C ALA A 88 9.97 -8.61 -32.16
N ASN A 89 9.80 -9.56 -31.25
CA ASN A 89 10.29 -9.42 -29.88
C ASN A 89 11.55 -10.27 -29.80
N GLN A 90 12.68 -9.68 -30.17
CA GLN A 90 13.95 -10.40 -30.13
C GLN A 90 14.40 -10.76 -28.72
N ARG A 91 15.06 -11.91 -28.61
CA ARG A 91 15.58 -12.33 -27.32
C ARG A 91 16.98 -11.76 -27.17
N ASN A 92 17.28 -11.25 -25.99
CA ASN A 92 18.59 -10.67 -25.71
C ASN A 92 19.66 -11.76 -25.67
N PRO A 93 20.92 -11.39 -25.93
CA PRO A 93 22.00 -12.38 -25.87
C PRO A 93 21.93 -12.91 -24.44
N ILE A 94 22.02 -14.23 -24.25
CA ILE A 94 21.88 -14.77 -22.91
C ILE A 94 22.87 -14.27 -21.87
N LYS A 95 23.89 -13.55 -22.29
CA LYS A 95 24.85 -13.01 -21.33
C LYS A 95 24.12 -11.97 -20.46
N PHE A 96 22.98 -11.48 -20.96
CA PHE A 96 22.16 -10.51 -20.23
C PHE A 96 21.20 -11.19 -19.25
N ASP A 97 21.00 -12.49 -19.39
CA ASP A 97 20.09 -13.21 -18.50
C ASP A 97 20.54 -13.13 -17.03
N GLY A 98 19.81 -12.36 -16.25
CA GLY A 98 20.13 -12.18 -14.84
C GLY A 98 20.70 -10.81 -14.53
N VAL A 99 20.88 -9.99 -15.56
CA VAL A 99 21.43 -8.64 -15.40
C VAL A 99 20.69 -7.90 -14.28
N GLU A 100 21.44 -7.20 -13.44
CA GLU A 100 20.89 -6.49 -12.30
C GLU A 100 20.11 -5.21 -12.59
N ASP A 101 20.39 -4.59 -13.73
CA ASP A 101 19.70 -3.37 -14.13
C ASP A 101 19.24 -3.61 -15.56
N MET A 102 17.94 -3.76 -15.77
CA MET A 102 17.42 -4.04 -17.11
C MET A 102 17.52 -2.90 -18.10
N SER A 103 18.03 -1.76 -17.66
CA SER A 103 18.19 -0.63 -18.58
C SER A 103 19.38 -0.98 -19.47
N GLU A 104 20.11 -2.02 -19.09
CA GLU A 104 21.28 -2.47 -19.84
C GLU A 104 20.92 -3.44 -20.96
N LEU A 105 19.70 -3.95 -20.94
CA LEU A 105 19.26 -4.90 -21.96
C LEU A 105 19.31 -4.30 -23.36
N SER A 106 19.77 -5.08 -24.33
CA SER A 106 19.84 -4.60 -25.70
C SER A 106 18.43 -4.47 -26.26
N TYR A 107 17.58 -5.46 -26.00
CA TYR A 107 16.20 -5.45 -26.48
C TYR A 107 15.24 -5.23 -25.32
N LEU A 108 14.50 -4.12 -25.38
CA LEU A 108 13.54 -3.82 -24.34
C LEU A 108 12.11 -4.10 -24.80
N ASN A 109 11.63 -5.30 -24.50
CA ASN A 109 10.28 -5.69 -24.86
C ASN A 109 9.71 -6.53 -23.72
N GLU A 110 8.39 -6.68 -23.69
CA GLU A 110 7.72 -7.42 -22.62
C GLU A 110 8.26 -8.81 -22.28
N PRO A 111 8.37 -9.72 -23.27
CA PRO A 111 8.89 -11.04 -22.94
C PRO A 111 10.35 -11.00 -22.46
N ALA A 112 11.13 -10.06 -22.99
CA ALA A 112 12.53 -9.94 -22.60
C ALA A 112 12.64 -9.50 -21.13
N VAL A 113 11.84 -8.51 -20.76
CA VAL A 113 11.85 -8.02 -19.38
C VAL A 113 11.35 -9.10 -18.42
N PHE A 114 10.28 -9.78 -18.79
CA PHE A 114 9.72 -10.84 -17.95
C PHE A 114 10.75 -11.96 -17.78
N HIS A 115 11.40 -12.34 -18.87
CA HIS A 115 12.40 -13.40 -18.83
C HIS A 115 13.54 -13.09 -17.85
N ASN A 116 14.05 -11.85 -17.89
CA ASN A 116 15.14 -11.49 -16.98
C ASN A 116 14.71 -11.64 -15.53
N LEU A 117 13.51 -11.13 -15.21
CA LEU A 117 12.97 -11.23 -13.87
C LEU A 117 12.80 -12.71 -13.50
N ARG A 118 12.44 -13.52 -14.48
CA ARG A 118 12.23 -14.95 -14.24
C ARG A 118 13.55 -15.64 -13.90
N VAL A 119 14.58 -15.36 -14.67
CA VAL A 119 15.89 -15.98 -14.42
C VAL A 119 16.34 -15.66 -13.00
N ARG A 120 16.26 -14.41 -12.61
CA ARG A 120 16.66 -14.00 -11.26
C ARG A 120 15.75 -14.67 -10.22
N TYR A 121 14.44 -14.63 -10.47
CA TYR A 121 13.47 -15.22 -9.56
C TYR A 121 13.72 -16.70 -9.32
N ASN A 122 14.02 -17.42 -10.40
CA ASN A 122 14.30 -18.86 -10.32
C ASN A 122 15.44 -19.19 -9.37
N GLN A 123 16.33 -18.22 -9.11
CA GLN A 123 17.40 -18.48 -8.14
C GLN A 123 17.28 -17.55 -6.95
N ASP A 124 16.04 -17.25 -6.60
CA ASP A 124 15.66 -16.41 -5.46
C ASP A 124 16.24 -15.00 -5.37
N LEU A 125 16.48 -14.40 -6.53
CA LEU A 125 16.95 -13.04 -6.60
C LEU A 125 15.66 -12.25 -6.89
N ILE A 126 15.03 -11.77 -5.83
CA ILE A 126 13.76 -11.07 -5.95
C ILE A 126 13.86 -9.59 -6.30
N TYR A 127 15.04 -9.01 -6.13
CA TYR A 127 15.25 -7.60 -6.44
C TYR A 127 15.95 -7.41 -7.78
N THR A 128 15.48 -6.43 -8.54
CA THR A 128 16.04 -6.14 -9.85
C THR A 128 15.79 -4.66 -10.16
N TYR A 129 16.82 -3.96 -10.63
CA TYR A 129 16.65 -2.56 -11.00
C TYR A 129 16.04 -2.48 -12.37
N SER A 130 15.19 -1.47 -12.56
CA SER A 130 14.52 -1.26 -13.82
C SER A 130 14.75 0.21 -14.15
N GLY A 131 16.02 0.56 -14.29
CA GLY A 131 16.38 1.93 -14.55
C GLY A 131 16.61 2.58 -13.20
N LEU A 132 15.94 3.70 -12.96
CA LEU A 132 16.08 4.45 -11.72
C LEU A 132 15.28 3.89 -10.52
N PHE A 133 14.36 2.96 -10.76
CA PHE A 133 13.57 2.39 -9.68
C PHE A 133 13.81 0.90 -9.49
N LEU A 134 13.43 0.39 -8.32
CA LEU A 134 13.60 -1.02 -7.99
C LEU A 134 12.34 -1.86 -8.17
N VAL A 135 12.53 -3.10 -8.63
CA VAL A 135 11.41 -4.02 -8.81
C VAL A 135 11.64 -5.15 -7.82
N ALA A 136 10.58 -5.53 -7.11
CA ALA A 136 10.66 -6.61 -6.13
C ALA A 136 9.52 -7.61 -6.33
N VAL A 137 9.86 -8.83 -6.71
CA VAL A 137 8.87 -9.86 -6.93
C VAL A 137 8.76 -10.72 -5.68
N ASN A 138 7.55 -10.77 -5.11
CA ASN A 138 7.25 -11.54 -3.89
C ASN A 138 7.67 -13.01 -4.03
N PRO A 139 8.55 -13.49 -3.14
CA PRO A 139 9.03 -14.88 -3.16
C PRO A 139 8.11 -15.86 -2.43
N PHE A 140 7.25 -15.33 -1.56
CA PHE A 140 6.34 -16.15 -0.76
C PHE A 140 7.07 -17.28 -0.04
N LYS A 141 8.25 -16.94 0.45
CA LYS A 141 9.09 -17.85 1.22
C LYS A 141 10.21 -17.03 1.81
N ARG A 142 10.80 -17.54 2.87
CA ARG A 142 11.88 -16.86 3.57
C ARG A 142 13.22 -16.95 2.83
N ILE A 143 13.89 -15.81 2.69
CA ILE A 143 15.20 -15.74 2.04
C ILE A 143 16.08 -14.93 3.00
N PRO A 144 17.19 -15.52 3.47
CA PRO A 144 18.17 -14.95 4.40
C PRO A 144 18.97 -13.74 3.96
N ILE A 145 18.30 -12.72 3.42
CA ILE A 145 19.01 -11.53 2.94
C ILE A 145 18.72 -10.26 3.73
N TYR A 146 18.23 -10.41 4.97
CA TYR A 146 17.91 -9.24 5.78
C TYR A 146 18.55 -9.26 7.16
N THR A 147 19.68 -9.94 7.29
CA THR A 147 20.38 -10.03 8.56
C THR A 147 21.18 -8.74 8.79
N GLN A 148 21.67 -8.57 10.02
CA GLN A 148 22.46 -7.39 10.34
C GLN A 148 23.71 -7.39 9.47
N GLU A 149 24.22 -8.59 9.16
CA GLU A 149 25.40 -8.71 8.31
C GLU A 149 25.07 -8.14 6.94
N MET A 150 23.89 -8.46 6.43
CA MET A 150 23.45 -7.97 5.13
C MET A 150 23.31 -6.45 5.18
N VAL A 151 22.77 -5.94 6.29
CA VAL A 151 22.61 -4.51 6.47
C VAL A 151 23.98 -3.82 6.43
N ASP A 152 24.94 -4.38 7.14
CA ASP A 152 26.28 -3.81 7.19
C ASP A 152 26.95 -3.69 5.83
N ILE A 153 26.65 -4.62 4.93
CA ILE A 153 27.27 -4.61 3.59
C ILE A 153 26.86 -3.45 2.68
N PHE A 154 25.58 -3.08 2.71
CA PHE A 154 25.11 -2.00 1.86
C PHE A 154 25.41 -0.61 2.40
N LYS A 155 25.75 -0.53 3.69
CA LYS A 155 26.04 0.76 4.30
C LYS A 155 27.04 1.61 3.54
N GLY A 156 26.58 2.75 3.07
CA GLY A 156 27.43 3.67 2.33
C GLY A 156 27.83 3.27 0.92
N ARG A 157 27.30 2.15 0.43
CA ARG A 157 27.62 1.67 -0.92
C ARG A 157 26.83 2.39 -2.02
N ARG A 158 27.45 2.61 -3.16
CA ARG A 158 26.78 3.24 -4.28
C ARG A 158 25.89 2.16 -4.89
N ARG A 159 24.75 2.55 -5.47
CA ARG A 159 23.84 1.57 -6.06
C ARG A 159 24.53 0.61 -7.02
N ASN A 160 25.40 1.14 -7.87
CA ASN A 160 26.11 0.32 -8.87
C ASN A 160 27.19 -0.56 -8.27
N GLU A 161 27.59 -0.28 -7.03
CA GLU A 161 28.64 -1.06 -6.36
C GLU A 161 28.10 -2.35 -5.74
N VAL A 162 26.81 -2.36 -5.42
CA VAL A 162 26.20 -3.54 -4.80
C VAL A 162 25.02 -4.09 -5.59
N ALA A 163 24.60 -5.31 -5.23
CA ALA A 163 23.49 -5.96 -5.90
C ALA A 163 22.15 -5.29 -5.58
N PRO A 164 21.13 -5.49 -6.44
CA PRO A 164 19.83 -4.87 -6.15
C PRO A 164 19.33 -5.34 -4.79
N HIS A 165 18.71 -4.43 -4.03
CA HIS A 165 18.21 -4.78 -2.71
C HIS A 165 17.41 -3.62 -2.14
N ILE A 166 16.41 -3.92 -1.31
CA ILE A 166 15.61 -2.86 -0.71
C ILE A 166 16.51 -1.99 0.18
N PHE A 167 17.57 -2.58 0.74
CA PHE A 167 18.51 -1.84 1.59
C PHE A 167 19.28 -0.81 0.77
N ALA A 168 19.65 -1.20 -0.44
CA ALA A 168 20.41 -0.34 -1.32
C ALA A 168 19.65 0.95 -1.66
N ILE A 169 18.38 0.83 -2.05
CA ILE A 169 17.62 2.02 -2.38
C ILE A 169 17.41 2.84 -1.10
N SER A 170 17.30 2.16 0.04
CA SER A 170 17.14 2.85 1.31
C SER A 170 18.37 3.71 1.62
N ASP A 171 19.55 3.14 1.39
CA ASP A 171 20.81 3.85 1.65
C ASP A 171 20.96 5.05 0.72
N VAL A 172 20.60 4.87 -0.54
CA VAL A 172 20.68 5.94 -1.53
C VAL A 172 19.81 7.13 -1.11
N ALA A 173 18.60 6.85 -0.66
CA ALA A 173 17.69 7.91 -0.22
C ALA A 173 18.30 8.62 0.98
N TYR A 174 18.98 7.84 1.82
CA TYR A 174 19.61 8.38 3.01
C TYR A 174 20.81 9.27 2.64
N ARG A 175 21.59 8.85 1.64
CA ARG A 175 22.75 9.63 1.23
C ARG A 175 22.29 10.91 0.55
N SER A 176 21.21 10.81 -0.23
CA SER A 176 20.67 11.97 -0.92
C SER A 176 20.13 13.00 0.06
N MET A 177 19.55 12.52 1.15
CA MET A 177 19.00 13.41 2.17
C MET A 177 20.11 14.26 2.81
N LEU A 178 21.27 13.65 3.00
CA LEU A 178 22.40 14.35 3.61
C LEU A 178 23.17 15.21 2.62
N ASP A 179 23.34 14.71 1.40
CA ASP A 179 24.07 15.42 0.37
C ASP A 179 23.32 16.62 -0.21
N ASP A 180 22.00 16.52 -0.29
CA ASP A 180 21.19 17.59 -0.84
C ASP A 180 20.44 18.36 0.23
N ARG A 181 20.46 17.85 1.46
CA ARG A 181 19.74 18.50 2.56
C ARG A 181 18.28 18.67 2.14
N GLN A 182 17.73 17.62 1.54
CA GLN A 182 16.34 17.62 1.07
C GLN A 182 15.61 16.38 1.57
N ASN A 183 14.35 16.56 1.96
CA ASN A 183 13.56 15.42 2.43
C ASN A 183 13.36 14.41 1.31
N GLN A 184 13.29 13.13 1.68
CA GLN A 184 13.12 12.06 0.71
C GLN A 184 11.87 11.24 1.03
N SER A 185 11.45 10.40 0.07
CA SER A 185 10.30 9.54 0.26
C SER A 185 10.48 8.24 -0.53
N LEU A 186 10.07 7.14 0.09
CA LEU A 186 10.12 5.82 -0.51
C LEU A 186 8.70 5.35 -0.74
N LEU A 187 8.30 5.36 -2.01
CA LEU A 187 6.96 4.97 -2.42
C LEU A 187 6.99 3.55 -2.96
N ILE A 188 6.34 2.65 -2.22
CA ILE A 188 6.30 1.24 -2.57
C ILE A 188 4.92 0.88 -3.12
N THR A 189 4.86 0.66 -4.43
CA THR A 189 3.59 0.31 -5.05
C THR A 189 3.39 -1.19 -5.14
N GLY A 190 2.15 -1.60 -5.45
CA GLY A 190 1.83 -3.00 -5.57
C GLY A 190 0.38 -3.31 -5.25
N GLU A 191 -0.15 -4.33 -5.93
CA GLU A 191 -1.53 -4.74 -5.67
C GLU A 191 -1.48 -5.55 -4.36
N SER A 192 -2.66 -5.86 -3.82
CA SER A 192 -2.74 -6.61 -2.57
C SER A 192 -1.88 -7.89 -2.57
N GLY A 193 -1.03 -8.03 -1.56
CA GLY A 193 -0.17 -9.19 -1.43
C GLY A 193 1.15 -9.17 -2.21
N ALA A 194 1.44 -8.05 -2.87
CA ALA A 194 2.65 -7.94 -3.67
C ALA A 194 3.95 -7.87 -2.84
N GLY A 195 3.88 -7.34 -1.62
CA GLY A 195 5.05 -7.24 -0.78
C GLY A 195 5.37 -5.85 -0.24
N LYS A 196 4.42 -4.92 -0.31
CA LYS A 196 4.66 -3.56 0.15
C LYS A 196 4.99 -3.47 1.64
N THR A 197 4.20 -4.14 2.47
CA THR A 197 4.43 -4.10 3.90
C THR A 197 5.74 -4.75 4.35
N GLU A 198 6.11 -5.88 3.74
CA GLU A 198 7.36 -6.54 4.09
C GLU A 198 8.53 -5.65 3.76
N ASN A 199 8.49 -5.04 2.57
CA ASN A 199 9.57 -4.18 2.15
C ASN A 199 9.64 -2.90 2.98
N THR A 200 8.49 -2.42 3.45
CA THR A 200 8.44 -1.22 4.28
C THR A 200 9.18 -1.50 5.59
N LYS A 201 8.91 -2.65 6.19
CA LYS A 201 9.56 -3.04 7.44
C LYS A 201 11.08 -3.07 7.27
N LYS A 202 11.52 -3.47 6.09
CA LYS A 202 12.93 -3.56 5.78
C LYS A 202 13.55 -2.17 5.64
N VAL A 203 12.81 -1.24 5.07
CA VAL A 203 13.32 0.11 4.92
C VAL A 203 13.48 0.68 6.33
N ILE A 204 12.53 0.36 7.22
CA ILE A 204 12.60 0.86 8.58
C ILE A 204 13.79 0.22 9.30
N GLN A 205 13.90 -1.09 9.20
CA GLN A 205 15.01 -1.82 9.81
C GLN A 205 16.35 -1.22 9.40
N TYR A 206 16.52 -1.02 8.09
CA TYR A 206 17.77 -0.48 7.57
C TYR A 206 18.09 0.93 8.06
N LEU A 207 17.11 1.83 7.98
CA LEU A 207 17.33 3.21 8.43
C LEU A 207 17.63 3.25 9.93
N ALA A 208 16.85 2.51 10.71
CA ALA A 208 17.04 2.46 12.15
C ALA A 208 18.49 2.07 12.45
N SER A 209 18.97 1.04 11.78
CA SER A 209 20.34 0.57 12.01
C SER A 209 21.41 1.52 11.49
N VAL A 210 21.43 1.74 10.18
CA VAL A 210 22.43 2.61 9.57
C VAL A 210 22.56 3.99 10.21
N ALA A 211 21.45 4.55 10.68
CA ALA A 211 21.48 5.88 11.29
C ALA A 211 21.05 5.87 12.76
N GLY A 212 21.10 4.70 13.40
CA GLY A 212 20.70 4.60 14.79
C GLY A 212 21.79 5.11 15.72
N ARG A 213 21.46 5.24 17.00
CA ARG A 213 22.41 5.72 17.99
C ARG A 213 23.35 4.57 18.37
N ASN A 214 24.54 4.60 17.79
CA ASN A 214 25.55 3.57 18.03
C ASN A 214 26.27 3.73 19.36
N GLN A 215 25.51 3.73 20.45
CA GLN A 215 26.10 3.86 21.79
C GLN A 215 25.94 2.73 22.80
N ALA A 216 24.81 2.73 23.50
CA ALA A 216 24.51 1.70 24.49
C ALA A 216 23.05 1.29 24.33
N ASN A 217 22.53 0.55 25.32
CA ASN A 217 21.14 0.11 25.28
C ASN A 217 20.21 1.31 25.10
N GLY A 218 20.42 2.33 25.92
CA GLY A 218 19.60 3.53 25.85
C GLY A 218 19.51 4.10 24.46
N SER A 219 20.67 4.20 23.78
CA SER A 219 20.74 4.73 22.43
C SER A 219 20.09 3.80 21.41
N GLY A 220 19.43 2.76 21.92
CA GLY A 220 18.75 1.82 21.08
C GLY A 220 17.30 1.72 21.51
N VAL A 221 16.91 2.60 22.42
CA VAL A 221 15.55 2.63 22.93
C VAL A 221 14.59 3.18 21.87
N LEU A 222 14.88 4.38 21.37
CA LEU A 222 14.06 5.00 20.35
C LEU A 222 13.92 4.04 19.16
N GLU A 223 15.04 3.76 18.50
CA GLU A 223 15.05 2.87 17.35
C GLU A 223 14.28 1.58 17.61
N GLN A 224 14.35 1.09 18.85
CA GLN A 224 13.67 -0.14 19.22
C GLN A 224 12.15 0.09 19.30
N GLN A 225 11.76 1.29 19.70
CA GLN A 225 10.35 1.61 19.81
C GLN A 225 9.78 1.87 18.41
N ILE A 226 10.65 2.30 17.50
CA ILE A 226 10.24 2.56 16.13
C ILE A 226 9.84 1.23 15.50
N LEU A 227 10.73 0.24 15.61
CA LEU A 227 10.49 -1.09 15.05
C LEU A 227 9.31 -1.81 15.71
N GLN A 228 9.11 -1.56 17.01
CA GLN A 228 8.04 -2.20 17.75
C GLN A 228 6.65 -1.62 17.51
N ALA A 229 6.59 -0.48 16.83
CA ALA A 229 5.30 0.14 16.56
C ALA A 229 4.52 -0.66 15.52
N ASN A 230 5.26 -1.38 14.66
CA ASN A 230 4.65 -2.17 13.59
C ASN A 230 3.80 -3.35 14.08
N PRO A 231 4.37 -4.22 14.93
CA PRO A 231 3.59 -5.36 15.41
C PRO A 231 2.29 -4.93 16.07
N ILE A 232 2.29 -3.77 16.72
CA ILE A 232 1.09 -3.27 17.37
C ILE A 232 0.04 -2.95 16.32
N LEU A 233 0.39 -2.08 15.39
CA LEU A 233 -0.54 -1.68 14.35
C LEU A 233 -1.03 -2.83 13.49
N GLU A 234 -0.13 -3.76 13.13
CA GLU A 234 -0.55 -4.89 12.30
C GLU A 234 -1.55 -5.78 13.01
N ALA A 235 -1.38 -5.94 14.32
CA ALA A 235 -2.29 -6.77 15.10
C ALA A 235 -3.71 -6.20 15.07
N PHE A 236 -3.82 -4.87 15.09
CA PHE A 236 -5.14 -4.24 15.06
C PHE A 236 -5.56 -3.78 13.66
N GLY A 237 -4.61 -3.65 12.74
CA GLY A 237 -4.95 -3.17 11.42
C GLY A 237 -4.81 -4.10 10.23
N ASN A 238 -4.33 -5.32 10.47
CA ASN A 238 -4.16 -6.31 9.43
C ASN A 238 -5.10 -7.49 9.64
N ALA A 239 -5.48 -8.14 8.54
CA ALA A 239 -6.39 -9.27 8.60
C ALA A 239 -6.22 -10.15 7.37
N LYS A 240 -6.73 -11.37 7.44
CA LYS A 240 -6.63 -12.26 6.31
C LYS A 240 -7.74 -11.98 5.31
N THR A 241 -7.36 -11.72 4.05
CA THR A 241 -8.37 -11.53 3.01
C THR A 241 -8.05 -12.69 2.05
N THR A 242 -8.85 -12.84 1.00
CA THR A 242 -8.63 -13.90 0.03
C THR A 242 -7.37 -13.67 -0.81
N ARG A 243 -6.80 -12.47 -0.72
CA ARG A 243 -5.59 -12.15 -1.50
C ARG A 243 -4.30 -12.11 -0.69
N ASN A 244 -4.43 -12.03 0.63
CA ASN A 244 -3.26 -11.94 1.47
C ASN A 244 -3.59 -12.30 2.91
N ASN A 245 -2.83 -13.23 3.47
CA ASN A 245 -3.03 -13.67 4.86
C ASN A 245 -2.74 -12.58 5.87
N ASN A 246 -1.97 -11.57 5.46
CA ASN A 246 -1.62 -10.47 6.36
C ASN A 246 -1.90 -9.13 5.68
N SER A 247 -3.09 -9.01 5.09
CA SER A 247 -3.48 -7.79 4.40
C SER A 247 -3.59 -6.58 5.33
N SER A 248 -2.97 -5.47 4.92
CA SER A 248 -3.02 -4.22 5.67
C SER A 248 -4.39 -3.63 5.33
N ARG A 249 -5.23 -3.41 6.33
CA ARG A 249 -6.54 -2.86 6.07
C ARG A 249 -6.60 -1.36 6.36
N PHE A 250 -5.42 -0.74 6.41
CA PHE A 250 -5.28 0.69 6.62
C PHE A 250 -4.00 1.11 5.91
N GLY A 251 -3.95 2.35 5.45
CA GLY A 251 -2.76 2.84 4.80
C GLY A 251 -1.93 3.63 5.79
N LYS A 252 -0.65 3.81 5.50
CA LYS A 252 0.18 4.58 6.41
C LYS A 252 1.39 5.20 5.76
N PHE A 253 1.66 6.43 6.17
CA PHE A 253 2.81 7.19 5.71
C PHE A 253 3.67 7.30 6.96
N ILE A 254 4.84 6.66 6.92
CA ILE A 254 5.74 6.68 8.06
C ILE A 254 6.87 7.66 7.87
N GLU A 255 6.94 8.63 8.77
CA GLU A 255 8.00 9.64 8.73
C GLU A 255 9.17 9.25 9.62
N ILE A 256 10.31 8.97 9.02
CA ILE A 256 11.50 8.64 9.80
C ILE A 256 12.25 9.98 9.86
N GLN A 257 12.37 10.51 11.06
CA GLN A 257 12.99 11.82 11.28
C GLN A 257 14.46 11.75 11.70
N PHE A 258 15.26 12.68 11.16
CA PHE A 258 16.68 12.74 11.46
C PHE A 258 17.08 14.15 11.90
N ASN A 259 18.11 14.24 12.74
CA ASN A 259 18.58 15.54 13.19
C ASN A 259 19.51 16.10 12.13
N SER A 260 20.05 17.29 12.38
CA SER A 260 20.95 17.92 11.43
C SER A 260 22.20 17.08 11.18
N ALA A 261 22.59 16.27 12.16
CA ALA A 261 23.78 15.44 12.04
C ALA A 261 23.55 14.20 11.19
N GLY A 262 22.28 13.83 10.99
CA GLY A 262 21.99 12.65 10.19
C GLY A 262 21.59 11.46 11.04
N PHE A 263 21.39 11.70 12.34
CA PHE A 263 20.98 10.65 13.25
C PHE A 263 19.46 10.66 13.38
N ILE A 264 18.86 9.48 13.56
CA ILE A 264 17.43 9.37 13.72
C ILE A 264 17.04 10.06 15.02
N SER A 265 16.17 11.06 14.91
CA SER A 265 15.70 11.82 16.06
C SER A 265 14.26 11.49 16.42
N GLY A 266 13.61 10.67 15.59
CA GLY A 266 12.23 10.28 15.84
C GLY A 266 11.50 9.73 14.63
N ALA A 267 10.20 9.49 14.79
CA ALA A 267 9.36 8.96 13.73
C ALA A 267 7.90 9.33 14.02
N SER A 268 7.10 9.42 12.96
CA SER A 268 5.70 9.77 13.08
C SER A 268 4.90 8.90 12.12
N ILE A 269 3.72 8.47 12.54
CA ILE A 269 2.88 7.63 11.71
C ILE A 269 1.52 8.28 11.43
N GLN A 270 1.17 8.33 10.15
CA GLN A 270 -0.12 8.88 9.74
C GLN A 270 -0.89 7.68 9.18
N SER A 271 -2.01 7.32 9.82
CA SER A 271 -2.79 6.18 9.35
C SER A 271 -3.92 6.65 8.45
N TYR A 272 -4.31 5.80 7.51
CA TYR A 272 -5.35 6.18 6.56
C TYR A 272 -6.38 5.10 6.29
N LEU A 273 -7.64 5.53 6.21
CA LEU A 273 -8.72 4.65 5.83
C LEU A 273 -8.79 3.24 6.42
N LEU A 274 -8.97 3.12 7.74
CA LEU A 274 -9.07 1.80 8.34
C LEU A 274 -10.41 1.19 7.89
N GLU A 275 -10.38 -0.07 7.50
CA GLU A 275 -11.60 -0.74 7.05
C GLU A 275 -12.43 -1.21 8.24
N LYS A 276 -13.10 -0.26 8.89
CA LYS A 276 -13.93 -0.51 10.06
C LYS A 276 -14.99 -1.59 9.85
N SER A 277 -15.55 -1.65 8.65
CA SER A 277 -16.60 -2.63 8.36
C SER A 277 -16.17 -4.08 8.59
N ARG A 278 -14.86 -4.36 8.56
CA ARG A 278 -14.37 -5.72 8.76
C ARG A 278 -14.65 -6.25 10.16
N VAL A 279 -14.80 -5.36 11.13
CA VAL A 279 -15.04 -5.79 12.51
C VAL A 279 -16.39 -6.49 12.65
N VAL A 280 -17.39 -6.08 11.88
CA VAL A 280 -18.72 -6.66 11.97
C VAL A 280 -19.11 -7.57 10.80
N PHE A 281 -18.22 -7.66 9.81
CA PHE A 281 -18.49 -8.51 8.65
C PHE A 281 -17.22 -8.96 7.94
N GLN A 282 -17.20 -10.22 7.52
CA GLN A 282 -16.07 -10.76 6.78
C GLN A 282 -16.59 -11.75 5.75
N SER A 283 -16.08 -11.65 4.53
CA SER A 283 -16.47 -12.55 3.45
C SER A 283 -15.97 -13.96 3.78
N GLU A 284 -16.56 -14.95 3.11
CA GLU A 284 -16.19 -16.35 3.34
C GLU A 284 -14.68 -16.60 3.18
N THR A 285 -14.12 -17.33 4.14
CA THR A 285 -12.70 -17.69 4.20
C THR A 285 -11.75 -16.58 4.66
N GLU A 286 -12.27 -15.40 4.98
CA GLU A 286 -11.40 -14.30 5.43
C GLU A 286 -11.52 -14.28 6.96
N ARG A 287 -10.74 -13.41 7.60
CA ARG A 287 -10.81 -13.28 9.05
C ARG A 287 -11.03 -11.83 9.45
N ASN A 288 -11.35 -11.64 10.73
CA ASN A 288 -11.52 -10.30 11.28
C ASN A 288 -10.06 -9.92 11.58
N TYR A 289 -9.86 -8.76 12.19
CA TYR A 289 -8.51 -8.34 12.51
C TYR A 289 -7.79 -9.38 13.38
N HIS A 290 -6.47 -9.54 13.18
CA HIS A 290 -5.68 -10.52 13.93
C HIS A 290 -5.90 -10.45 15.45
N ILE A 291 -5.84 -9.25 16.02
CA ILE A 291 -5.99 -9.06 17.47
C ILE A 291 -7.11 -9.87 18.12
N PHE A 292 -8.26 -9.97 17.46
CA PHE A 292 -9.38 -10.72 18.02
C PHE A 292 -9.00 -12.19 18.27
N TYR A 293 -8.30 -12.79 17.30
CA TYR A 293 -7.89 -14.17 17.43
C TYR A 293 -6.73 -14.31 18.40
N GLN A 294 -5.87 -13.30 18.46
CA GLN A 294 -4.73 -13.32 19.37
C GLN A 294 -5.18 -13.32 20.83
N LEU A 295 -6.21 -12.53 21.13
CA LEU A 295 -6.72 -12.42 22.50
C LEU A 295 -7.39 -13.71 22.96
N LEU A 296 -8.32 -14.22 22.16
CA LEU A 296 -9.02 -15.44 22.52
C LEU A 296 -8.11 -16.66 22.64
N ALA A 297 -7.02 -16.70 21.86
CA ALA A 297 -6.11 -17.82 21.91
C ALA A 297 -4.93 -17.66 22.88
N GLY A 298 -4.53 -16.43 23.14
CA GLY A 298 -3.40 -16.19 24.03
C GLY A 298 -3.67 -15.57 25.39
N ALA A 299 -4.93 -15.31 25.71
CA ALA A 299 -5.27 -14.72 27.00
C ALA A 299 -5.22 -15.78 28.11
N THR A 300 -4.85 -15.37 29.31
CA THR A 300 -4.77 -16.29 30.44
C THR A 300 -6.18 -16.71 30.88
N ALA A 301 -6.27 -17.78 31.64
CA ALA A 301 -7.56 -18.26 32.13
C ALA A 301 -8.18 -17.18 33.01
N GLU A 302 -7.34 -16.41 33.68
CA GLU A 302 -7.81 -15.34 34.55
C GLU A 302 -8.50 -14.28 33.70
N GLU A 303 -7.75 -13.75 32.73
CA GLU A 303 -8.26 -12.72 31.84
C GLU A 303 -9.51 -13.17 31.12
N LYS A 304 -9.50 -14.39 30.59
CA LYS A 304 -10.66 -14.88 29.86
C LYS A 304 -11.89 -14.97 30.78
N LYS A 305 -11.66 -15.08 32.08
CA LYS A 305 -12.76 -15.14 33.04
C LYS A 305 -13.26 -13.73 33.29
N ALA A 306 -12.32 -12.81 33.49
CA ALA A 306 -12.66 -11.42 33.74
C ALA A 306 -13.36 -10.79 32.52
N LEU A 307 -12.91 -11.18 31.33
CA LEU A 307 -13.47 -10.65 30.09
C LEU A 307 -14.64 -11.47 29.53
N HIS A 308 -14.99 -12.55 30.22
CA HIS A 308 -16.09 -13.40 29.77
C HIS A 308 -15.80 -13.94 28.37
N LEU A 309 -14.53 -14.20 28.11
CA LEU A 309 -14.11 -14.72 26.80
C LEU A 309 -14.38 -16.21 26.61
N ALA A 310 -14.29 -16.64 25.36
CA ALA A 310 -14.51 -18.04 25.01
C ALA A 310 -13.96 -18.23 23.60
N GLY A 311 -14.22 -19.39 23.01
CA GLY A 311 -13.73 -19.65 21.66
C GLY A 311 -14.33 -18.78 20.58
N PRO A 312 -13.55 -18.46 19.53
CA PRO A 312 -14.01 -17.63 18.42
C PRO A 312 -15.34 -18.07 17.84
N GLU A 313 -15.60 -19.37 17.89
CA GLU A 313 -16.85 -19.92 17.36
C GLU A 313 -18.07 -19.45 18.14
N SER A 314 -17.85 -18.92 19.34
CA SER A 314 -18.94 -18.44 20.17
C SER A 314 -19.28 -16.97 19.90
N PHE A 315 -18.65 -16.37 18.87
CA PHE A 315 -18.89 -14.97 18.57
C PHE A 315 -19.30 -14.72 17.12
N ASN A 316 -20.41 -14.01 16.95
CA ASN A 316 -20.95 -13.70 15.63
C ASN A 316 -19.93 -12.97 14.75
N TYR A 317 -19.10 -12.14 15.35
CA TYR A 317 -18.10 -11.40 14.57
C TYR A 317 -16.90 -12.25 14.17
N LEU A 318 -16.85 -13.51 14.61
CA LEU A 318 -15.72 -14.37 14.26
C LEU A 318 -16.10 -15.75 13.74
N ASN A 319 -17.38 -16.07 13.76
CA ASN A 319 -17.81 -17.39 13.32
C ASN A 319 -18.68 -17.42 12.07
N GLN A 320 -18.58 -16.40 11.23
CA GLN A 320 -19.40 -16.34 10.02
C GLN A 320 -18.62 -16.62 8.74
N SER A 321 -17.31 -16.44 8.77
CA SER A 321 -16.48 -16.65 7.59
C SER A 321 -16.13 -18.11 7.34
N GLY A 322 -16.06 -18.89 8.41
CA GLY A 322 -15.69 -20.28 8.29
C GLY A 322 -14.19 -20.42 8.44
N CYS A 323 -13.54 -19.33 8.85
CA CYS A 323 -12.10 -19.34 9.03
C CYS A 323 -11.71 -18.60 10.31
N VAL A 324 -11.01 -19.30 11.21
CA VAL A 324 -10.59 -18.71 12.46
C VAL A 324 -9.07 -18.80 12.66
N ASP A 325 -8.39 -19.50 11.76
CA ASP A 325 -6.95 -19.60 11.87
C ASP A 325 -6.26 -19.50 10.52
N ILE A 326 -4.99 -19.10 10.55
CA ILE A 326 -4.19 -18.93 9.36
C ILE A 326 -3.07 -19.98 9.38
N LYS A 327 -2.92 -20.70 8.26
CA LYS A 327 -1.89 -21.73 8.17
C LYS A 327 -0.52 -21.15 8.47
N GLY A 328 0.21 -21.79 9.38
CA GLY A 328 1.56 -21.34 9.72
C GLY A 328 1.62 -20.21 10.72
N VAL A 329 0.46 -19.75 11.20
CA VAL A 329 0.44 -18.67 12.17
C VAL A 329 -0.15 -19.14 13.50
N SER A 330 0.54 -18.80 14.59
CA SER A 330 0.09 -19.13 15.92
C SER A 330 -0.42 -17.84 16.53
N ASP A 331 -1.74 -17.71 16.59
CA ASP A 331 -2.34 -16.50 17.15
C ASP A 331 -1.97 -16.30 18.60
N SER A 332 -1.81 -17.41 19.33
CA SER A 332 -1.43 -17.34 20.73
C SER A 332 -0.03 -16.75 20.86
N GLU A 333 0.87 -17.20 20.00
CA GLU A 333 2.24 -16.69 20.02
C GLU A 333 2.30 -15.24 19.55
N GLU A 334 1.46 -14.90 18.57
CA GLU A 334 1.44 -13.53 18.06
C GLU A 334 0.95 -12.58 19.15
N PHE A 335 0.03 -13.06 19.99
CA PHE A 335 -0.49 -12.25 21.07
C PHE A 335 0.67 -11.89 22.00
N LYS A 336 1.61 -12.81 22.17
CA LYS A 336 2.77 -12.57 23.03
C LYS A 336 3.64 -11.47 22.40
N ILE A 337 3.80 -11.52 21.09
CA ILE A 337 4.59 -10.53 20.39
C ILE A 337 3.92 -9.16 20.47
N THR A 338 2.60 -9.13 20.33
CA THR A 338 1.87 -7.87 20.39
C THR A 338 2.03 -7.22 21.77
N ARG A 339 1.94 -8.02 22.82
CA ARG A 339 2.07 -7.50 24.18
C ARG A 339 3.48 -6.99 24.50
N GLN A 340 4.51 -7.66 23.96
CA GLN A 340 5.88 -7.22 24.21
C GLN A 340 6.13 -5.90 23.49
N ALA A 341 5.49 -5.71 22.34
CA ALA A 341 5.65 -4.49 21.58
C ALA A 341 4.99 -3.33 22.33
N MET A 342 3.85 -3.59 22.96
CA MET A 342 3.15 -2.55 23.71
C MET A 342 4.01 -2.16 24.92
N ASP A 343 4.61 -3.15 25.56
CA ASP A 343 5.48 -2.90 26.72
C ASP A 343 6.64 -2.00 26.31
N ILE A 344 7.36 -2.39 25.25
CA ILE A 344 8.50 -1.62 24.79
C ILE A 344 8.12 -0.21 24.37
N VAL A 345 6.99 -0.07 23.69
CA VAL A 345 6.53 1.24 23.23
C VAL A 345 6.17 2.15 24.41
N GLY A 346 5.48 1.59 25.41
CA GLY A 346 5.14 2.39 26.56
C GLY A 346 3.70 2.33 27.05
N PHE A 347 2.96 1.29 26.67
CA PHE A 347 1.58 1.15 27.12
C PHE A 347 1.56 0.51 28.51
N SER A 348 1.05 1.24 29.48
CA SER A 348 0.97 0.74 30.84
C SER A 348 0.14 -0.53 30.85
N GLN A 349 0.23 -1.29 31.94
CA GLN A 349 -0.51 -2.55 32.07
C GLN A 349 -2.01 -2.27 32.24
N GLU A 350 -2.31 -1.09 32.78
CA GLU A 350 -3.69 -0.68 33.01
C GLU A 350 -4.30 -0.34 31.65
N GLU A 351 -3.52 0.33 30.80
CA GLU A 351 -3.96 0.71 29.47
C GLU A 351 -4.16 -0.54 28.61
N GLN A 352 -3.21 -1.46 28.69
CA GLN A 352 -3.31 -2.69 27.92
C GLN A 352 -4.57 -3.45 28.26
N MET A 353 -4.90 -3.53 29.55
CA MET A 353 -6.10 -4.24 29.98
C MET A 353 -7.36 -3.54 29.46
N SER A 354 -7.35 -2.21 29.45
CA SER A 354 -8.48 -1.45 28.95
C SER A 354 -8.67 -1.76 27.46
N ILE A 355 -7.56 -1.86 26.75
CA ILE A 355 -7.58 -2.16 25.33
C ILE A 355 -8.24 -3.51 25.06
N PHE A 356 -7.86 -4.52 25.84
CA PHE A 356 -8.44 -5.84 25.66
C PHE A 356 -9.88 -5.87 26.14
N LYS A 357 -10.22 -4.97 27.06
CA LYS A 357 -11.58 -4.88 27.54
C LYS A 357 -12.44 -4.39 26.39
N ILE A 358 -11.90 -3.45 25.61
CA ILE A 358 -12.60 -2.89 24.46
C ILE A 358 -12.77 -3.95 23.37
N ILE A 359 -11.70 -4.69 23.13
CA ILE A 359 -11.73 -5.76 22.13
C ILE A 359 -12.76 -6.80 22.57
N ALA A 360 -12.72 -7.15 23.85
CA ALA A 360 -13.66 -8.12 24.39
C ALA A 360 -15.08 -7.54 24.30
N GLY A 361 -15.23 -6.30 24.71
CA GLY A 361 -16.53 -5.65 24.65
C GLY A 361 -17.15 -5.69 23.27
N ILE A 362 -16.34 -5.44 22.26
CA ILE A 362 -16.81 -5.47 20.88
C ILE A 362 -17.38 -6.85 20.54
N LEU A 363 -16.66 -7.91 20.92
CA LEU A 363 -17.13 -9.26 20.65
C LEU A 363 -18.50 -9.51 21.29
N HIS A 364 -18.66 -9.14 22.56
CA HIS A 364 -19.94 -9.32 23.24
C HIS A 364 -21.03 -8.50 22.56
N LEU A 365 -20.71 -7.27 22.15
CA LEU A 365 -21.70 -6.45 21.47
C LEU A 365 -22.20 -7.17 20.23
N GLY A 366 -21.30 -7.89 19.58
CA GLY A 366 -21.66 -8.63 18.37
C GLY A 366 -22.62 -9.77 18.64
N ASN A 367 -22.66 -10.26 19.88
CA ASN A 367 -23.55 -11.37 20.20
C ASN A 367 -24.96 -10.93 20.62
N ILE A 368 -25.17 -9.63 20.77
CA ILE A 368 -26.51 -9.16 21.13
C ILE A 368 -27.47 -9.52 20.00
N LYS A 369 -28.56 -10.19 20.36
CA LYS A 369 -29.54 -10.59 19.36
C LYS A 369 -30.85 -9.84 19.54
N PHE A 370 -31.13 -8.92 18.62
CA PHE A 370 -32.35 -8.13 18.67
C PHE A 370 -33.51 -8.93 18.07
N GLU A 371 -34.71 -8.72 18.60
CA GLU A 371 -35.89 -9.42 18.11
C GLU A 371 -37.08 -8.49 18.04
N LYS A 372 -38.06 -8.86 17.22
CA LYS A 372 -39.26 -8.05 17.08
C LYS A 372 -40.11 -8.20 18.32
N GLY A 373 -40.70 -7.10 18.77
CA GLY A 373 -41.54 -7.14 19.95
C GLY A 373 -43.00 -7.25 19.52
N ALA A 374 -43.91 -6.79 20.37
CA ALA A 374 -45.33 -6.83 20.04
C ALA A 374 -45.51 -6.10 18.72
N GLY A 375 -45.00 -4.87 18.65
CA GLY A 375 -45.11 -4.09 17.44
C GLY A 375 -43.89 -4.25 16.57
N GLU A 376 -43.64 -3.28 15.70
CA GLU A 376 -42.49 -3.30 14.81
C GLU A 376 -41.18 -2.98 15.53
N GLY A 377 -41.28 -2.40 16.72
CA GLY A 377 -40.09 -2.06 17.49
C GLY A 377 -39.35 -3.29 18.02
N ALA A 378 -38.02 -3.21 18.05
CA ALA A 378 -37.21 -4.32 18.53
C ALA A 378 -37.15 -4.43 20.05
N VAL A 379 -36.81 -5.62 20.54
CA VAL A 379 -36.69 -5.86 21.98
C VAL A 379 -35.47 -6.76 22.22
N LEU A 380 -35.02 -6.81 23.46
CA LEU A 380 -33.86 -7.64 23.80
C LEU A 380 -34.23 -8.65 24.89
N LYS A 381 -34.72 -9.81 24.45
CA LYS A 381 -35.13 -10.89 25.34
C LYS A 381 -33.99 -11.43 26.22
N ASP A 382 -32.89 -11.84 25.62
CA ASP A 382 -31.75 -12.34 26.38
C ASP A 382 -30.74 -11.20 26.50
N LYS A 383 -30.38 -10.85 27.74
CA LYS A 383 -29.44 -9.76 27.96
C LYS A 383 -28.04 -10.17 28.40
N THR A 384 -27.71 -11.44 28.20
CA THR A 384 -26.40 -11.95 28.57
C THR A 384 -25.27 -11.15 27.92
N ALA A 385 -25.26 -11.10 26.58
CA ALA A 385 -24.22 -10.37 25.85
C ALA A 385 -24.23 -8.88 26.22
N LEU A 386 -25.41 -8.27 26.23
CA LEU A 386 -25.54 -6.86 26.57
C LEU A 386 -24.87 -6.59 27.92
N ASN A 387 -25.14 -7.44 28.90
CA ASN A 387 -24.57 -7.26 30.22
C ASN A 387 -23.05 -7.48 30.27
N ALA A 388 -22.57 -8.49 29.55
CA ALA A 388 -21.13 -8.76 29.51
C ALA A 388 -20.41 -7.57 28.86
N ALA A 389 -20.98 -7.07 27.77
CA ALA A 389 -20.40 -5.93 27.07
C ALA A 389 -20.35 -4.73 28.02
N SER A 390 -21.49 -4.42 28.62
CA SER A 390 -21.60 -3.30 29.54
C SER A 390 -20.60 -3.44 30.68
N THR A 391 -20.41 -4.67 31.15
CA THR A 391 -19.48 -4.94 32.25
C THR A 391 -18.04 -4.58 31.92
N VAL A 392 -17.52 -5.08 30.80
CA VAL A 392 -16.14 -4.78 30.43
C VAL A 392 -15.92 -3.33 29.99
N PHE A 393 -16.93 -2.71 29.38
CA PHE A 393 -16.81 -1.32 28.93
C PHE A 393 -16.94 -0.38 30.12
N GLY A 394 -17.70 -0.79 31.13
CA GLY A 394 -17.90 0.05 32.29
C GLY A 394 -18.98 1.08 32.06
N VAL A 395 -20.10 0.63 31.50
CA VAL A 395 -21.22 1.51 31.23
C VAL A 395 -22.51 0.87 31.73
N ASN A 396 -23.55 1.68 31.89
CA ASN A 396 -24.85 1.21 32.37
C ASN A 396 -25.58 0.42 31.29
N PRO A 397 -25.78 -0.88 31.50
CA PRO A 397 -26.47 -1.73 30.52
C PRO A 397 -27.89 -1.27 30.20
N SER A 398 -28.53 -0.65 31.18
CA SER A 398 -29.88 -0.17 30.99
C SER A 398 -29.88 1.04 30.04
N VAL A 399 -28.87 1.88 30.16
CA VAL A 399 -28.73 3.06 29.31
C VAL A 399 -28.31 2.64 27.91
N LEU A 400 -27.41 1.65 27.83
CA LEU A 400 -26.91 1.16 26.55
C LEU A 400 -28.06 0.55 25.75
N GLU A 401 -28.86 -0.28 26.42
CA GLU A 401 -30.00 -0.92 25.79
C GLU A 401 -30.95 0.10 25.17
N LYS A 402 -31.28 1.14 25.94
CA LYS A 402 -32.17 2.19 25.46
C LYS A 402 -31.55 2.97 24.31
N ALA A 403 -30.25 3.20 24.37
CA ALA A 403 -29.54 3.95 23.33
C ALA A 403 -29.46 3.16 22.02
N LEU A 404 -29.57 1.84 22.14
CA LEU A 404 -29.49 0.97 20.98
C LEU A 404 -30.83 0.82 20.29
N MET A 405 -31.89 0.61 21.06
CA MET A 405 -33.21 0.39 20.48
C MET A 405 -34.14 1.60 20.50
N GLU A 406 -33.90 2.52 21.42
CA GLU A 406 -34.73 3.71 21.53
C GLU A 406 -33.90 4.98 21.60
N PRO A 407 -33.08 5.24 20.57
CA PRO A 407 -32.27 6.46 20.61
C PRO A 407 -33.16 7.68 20.45
N ARG A 408 -32.79 8.78 21.10
CA ARG A 408 -33.57 10.00 21.00
C ARG A 408 -32.95 10.87 19.91
N ILE A 409 -33.79 11.54 19.14
CA ILE A 409 -33.32 12.43 18.07
C ILE A 409 -34.19 13.67 18.10
N LEU A 410 -33.80 14.67 17.32
CA LEU A 410 -34.59 15.90 17.22
C LEU A 410 -35.45 15.84 15.97
N ALA A 411 -36.66 16.36 16.10
CA ALA A 411 -37.60 16.44 14.98
C ALA A 411 -38.04 17.90 14.89
N GLY A 412 -37.14 18.73 14.36
CA GLY A 412 -37.30 20.17 14.41
C GLY A 412 -36.49 20.70 15.57
N ARG A 413 -37.13 20.75 16.74
CA ARG A 413 -36.48 21.15 17.99
C ARG A 413 -37.03 20.25 19.08
N ASP A 414 -38.04 19.47 18.71
CA ASP A 414 -38.69 18.55 19.63
C ASP A 414 -37.83 17.31 19.84
N LEU A 415 -37.85 16.78 21.06
CA LEU A 415 -37.08 15.59 21.41
C LEU A 415 -37.99 14.38 21.26
N VAL A 416 -37.66 13.53 20.29
CA VAL A 416 -38.47 12.35 20.02
C VAL A 416 -37.73 11.03 20.20
N ALA A 417 -38.29 10.16 21.02
CA ALA A 417 -37.69 8.85 21.27
C ALA A 417 -38.07 7.95 20.12
N GLN A 418 -37.07 7.29 19.54
CA GLN A 418 -37.31 6.39 18.43
C GLN A 418 -37.41 4.97 18.98
N HIS A 419 -37.91 4.07 18.15
CA HIS A 419 -37.97 2.66 18.52
C HIS A 419 -37.61 1.93 17.24
N LEU A 420 -36.33 1.63 17.10
CA LEU A 420 -35.81 0.96 15.93
C LEU A 420 -36.28 -0.49 15.86
N ASN A 421 -36.49 -0.97 14.64
CA ASN A 421 -36.89 -2.36 14.44
C ASN A 421 -35.61 -3.18 14.54
N VAL A 422 -35.72 -4.48 14.33
CA VAL A 422 -34.56 -5.36 14.41
C VAL A 422 -33.39 -4.94 13.52
N GLU A 423 -33.68 -4.69 12.25
CA GLU A 423 -32.65 -4.30 11.31
C GLU A 423 -31.90 -3.03 11.70
N LYS A 424 -32.63 -1.99 12.08
CA LYS A 424 -31.99 -0.72 12.45
C LYS A 424 -31.22 -0.84 13.76
N SER A 425 -31.75 -1.60 14.72
CA SER A 425 -31.06 -1.79 16.00
C SER A 425 -29.73 -2.46 15.73
N SER A 426 -29.75 -3.52 14.93
CA SER A 426 -28.53 -4.26 14.58
C SER A 426 -27.49 -3.35 13.92
N SER A 427 -27.95 -2.47 13.02
CA SER A 427 -27.07 -1.54 12.33
C SER A 427 -26.45 -0.55 13.30
N SER A 428 -27.28 -0.01 14.19
CA SER A 428 -26.80 0.95 15.18
C SER A 428 -25.75 0.29 16.07
N ARG A 429 -26.00 -0.96 16.47
CA ARG A 429 -25.05 -1.70 17.30
C ARG A 429 -23.74 -1.83 16.51
N ASP A 430 -23.83 -2.14 15.22
CA ASP A 430 -22.64 -2.26 14.39
C ASP A 430 -21.91 -0.92 14.30
N ALA A 431 -22.68 0.16 14.20
CA ALA A 431 -22.11 1.50 14.12
C ALA A 431 -21.30 1.79 15.36
N LEU A 432 -21.85 1.43 16.52
CA LEU A 432 -21.16 1.61 17.79
C LEU A 432 -19.86 0.83 17.75
N VAL A 433 -19.93 -0.44 17.36
CA VAL A 433 -18.74 -1.28 17.28
C VAL A 433 -17.66 -0.67 16.39
N LYS A 434 -18.04 -0.28 15.17
CA LYS A 434 -17.07 0.31 14.25
C LYS A 434 -16.48 1.60 14.78
N ALA A 435 -17.28 2.41 15.47
CA ALA A 435 -16.79 3.66 16.04
C ALA A 435 -15.79 3.34 17.15
N LEU A 436 -16.09 2.33 17.95
CA LEU A 436 -15.20 1.92 19.03
C LEU A 436 -13.87 1.42 18.49
N TYR A 437 -13.91 0.59 17.46
CA TYR A 437 -12.67 0.05 16.90
C TYR A 437 -11.87 1.17 16.22
N GLY A 438 -12.55 1.96 15.39
CA GLY A 438 -11.89 3.04 14.69
C GLY A 438 -11.19 4.01 15.63
N ARG A 439 -11.89 4.44 16.68
CA ARG A 439 -11.31 5.38 17.64
C ARG A 439 -10.17 4.75 18.43
N LEU A 440 -10.29 3.47 18.73
CA LEU A 440 -9.24 2.76 19.45
C LEU A 440 -7.98 2.79 18.58
N PHE A 441 -8.14 2.46 17.29
CA PHE A 441 -7.00 2.45 16.38
C PHE A 441 -6.32 3.82 16.31
N LEU A 442 -7.12 4.88 16.21
CA LEU A 442 -6.57 6.23 16.14
C LEU A 442 -5.82 6.55 17.45
N TRP A 443 -6.38 6.08 18.56
CA TRP A 443 -5.77 6.30 19.86
C TRP A 443 -4.42 5.57 19.91
N LEU A 444 -4.41 4.30 19.50
CA LEU A 444 -3.17 3.53 19.51
C LEU A 444 -2.10 4.27 18.71
N VAL A 445 -2.48 4.78 17.53
CA VAL A 445 -1.54 5.51 16.69
C VAL A 445 -1.08 6.80 17.39
N LYS A 446 -2.03 7.47 18.03
CA LYS A 446 -1.75 8.71 18.76
C LYS A 446 -0.74 8.48 19.87
N LYS A 447 -0.98 7.46 20.69
CA LYS A 447 -0.09 7.13 21.80
C LYS A 447 1.30 6.86 21.27
N ILE A 448 1.37 6.01 20.24
CA ILE A 448 2.63 5.66 19.64
C ILE A 448 3.41 6.88 19.18
N ASN A 449 2.73 7.79 18.50
CA ASN A 449 3.40 9.00 18.01
C ASN A 449 3.97 9.89 19.12
N ASN A 450 3.21 10.12 20.19
CA ASN A 450 3.69 10.98 21.27
C ASN A 450 5.01 10.44 21.82
N VAL A 451 5.12 9.13 21.92
CA VAL A 451 6.34 8.49 22.41
C VAL A 451 7.47 8.61 21.40
N LEU A 452 7.13 8.45 20.12
N LEU A 452 7.29 8.42 20.11
CA LEU A 452 8.11 8.55 19.04
CA LEU A 452 8.29 8.34 19.06
C LEU A 452 8.62 9.96 18.77
C LEU A 452 8.76 9.73 18.64
N CYS A 453 7.71 10.92 18.80
N CYS A 453 7.92 10.69 18.78
CA CYS A 453 8.06 12.32 18.55
CA CYS A 453 8.25 12.08 18.48
C CYS A 453 8.57 13.05 19.79
C CYS A 453 8.77 12.80 19.71
N GLN A 454 9.88 13.09 19.94
N GLN A 454 10.06 12.86 19.88
CA GLN A 454 10.50 13.75 21.09
CA GLN A 454 10.60 13.51 21.07
C GLN A 454 11.46 14.89 20.77
C GLN A 454 11.46 14.71 20.72
N GLU A 455 11.43 15.35 19.53
CA GLU A 455 12.31 16.44 19.09
C GLU A 455 11.91 16.92 17.71
N ARG A 456 12.24 18.18 17.41
CA ARG A 456 11.94 18.75 16.11
C ARG A 456 12.91 18.15 15.11
N LYS A 457 12.37 17.48 14.10
CA LYS A 457 13.17 16.85 13.07
C LYS A 457 13.89 17.91 12.26
N ALA A 458 15.00 17.52 11.64
CA ALA A 458 15.75 18.44 10.79
C ALA A 458 15.42 18.01 9.37
N TYR A 459 15.22 16.71 9.21
CA TYR A 459 14.90 16.12 7.92
C TYR A 459 14.09 14.86 8.16
N PHE A 460 13.59 14.27 7.07
CA PHE A 460 12.85 13.03 7.17
C PHE A 460 12.81 12.23 5.87
N ILE A 461 12.63 10.94 6.00
CA ILE A 461 12.49 10.06 4.85
C ILE A 461 11.12 9.45 5.08
N GLY A 462 10.20 9.73 4.18
CA GLY A 462 8.85 9.22 4.35
C GLY A 462 8.64 7.91 3.61
N VAL A 463 8.10 6.91 4.31
CA VAL A 463 7.83 5.61 3.70
C VAL A 463 6.33 5.39 3.57
N LEU A 464 5.85 5.26 2.34
CA LEU A 464 4.43 5.04 2.09
C LEU A 464 4.07 3.57 1.89
N ASP A 465 3.13 3.09 2.71
CA ASP A 465 2.67 1.72 2.66
C ASP A 465 1.14 1.66 2.77
N ILE A 466 0.48 1.79 1.61
CA ILE A 466 -0.97 1.80 1.53
C ILE A 466 -1.58 0.42 1.30
N SER A 467 -2.90 0.35 1.47
CA SER A 467 -3.62 -0.88 1.18
C SER A 467 -3.55 -0.95 -0.35
N GLY A 468 -3.04 -2.06 -0.87
CA GLY A 468 -2.89 -2.20 -2.31
C GLY A 468 -4.14 -2.44 -3.14
N PHE A 469 -4.00 -2.28 -4.44
CA PHE A 469 -5.09 -2.46 -5.38
C PHE A 469 -5.74 -3.83 -5.18
N GLU A 470 -7.06 -3.86 -5.03
CA GLU A 470 -7.76 -5.12 -4.82
C GLU A 470 -9.12 -5.23 -5.49
N ILE A 471 -9.45 -6.45 -5.90
CA ILE A 471 -10.73 -6.74 -6.52
C ILE A 471 -11.28 -8.03 -5.89
N PHE A 472 -12.50 -7.97 -5.39
CA PHE A 472 -13.15 -9.13 -4.79
C PHE A 472 -14.43 -9.35 -5.58
N LYS A 473 -15.17 -10.40 -5.25
CA LYS A 473 -16.43 -10.67 -5.93
C LYS A 473 -17.39 -9.51 -5.68
N VAL A 474 -17.35 -8.97 -4.46
CA VAL A 474 -18.17 -7.84 -4.07
C VAL A 474 -17.26 -6.68 -3.67
N ASN A 475 -17.27 -5.61 -4.47
CA ASN A 475 -16.46 -4.44 -4.20
C ASN A 475 -17.36 -3.30 -3.75
N SER A 476 -17.07 -2.75 -2.57
CA SER A 476 -17.89 -1.67 -2.04
C SER A 476 -17.12 -0.33 -1.97
N PHE A 477 -17.63 0.59 -1.17
CA PHE A 477 -17.03 1.91 -1.01
C PHE A 477 -15.57 1.83 -0.55
N GLU A 478 -15.26 0.88 0.31
CA GLU A 478 -13.90 0.72 0.81
C GLU A 478 -12.93 0.41 -0.32
N GLN A 479 -13.34 -0.46 -1.24
CA GLN A 479 -12.49 -0.83 -2.38
C GLN A 479 -12.30 0.36 -3.32
N LEU A 480 -13.35 1.17 -3.51
CA LEU A 480 -13.24 2.34 -4.37
C LEU A 480 -12.18 3.29 -3.79
N CYS A 481 -12.26 3.55 -2.48
CA CYS A 481 -11.29 4.43 -1.83
C CYS A 481 -9.89 3.85 -1.96
N ILE A 482 -9.75 2.56 -1.73
CA ILE A 482 -8.47 1.89 -1.85
C ILE A 482 -7.90 2.00 -3.27
N ASN A 483 -8.70 1.60 -4.25
CA ASN A 483 -8.25 1.61 -5.64
C ASN A 483 -8.00 3.01 -6.20
N TYR A 484 -8.74 3.98 -5.69
CA TYR A 484 -8.60 5.37 -6.08
C TYR A 484 -7.22 5.82 -5.62
N THR A 485 -6.87 5.45 -4.39
CA THR A 485 -5.58 5.80 -3.81
C THR A 485 -4.45 5.20 -4.66
N ASN A 486 -4.59 3.92 -5.01
CA ASN A 486 -3.59 3.24 -5.81
C ASN A 486 -3.47 3.91 -7.19
N GLU A 487 -4.60 4.40 -7.70
CA GLU A 487 -4.60 5.08 -9.00
C GLU A 487 -3.81 6.39 -8.91
N LYS A 488 -3.97 7.10 -7.79
CA LYS A 488 -3.26 8.36 -7.61
C LYS A 488 -1.76 8.12 -7.44
N LEU A 489 -1.40 7.06 -6.73
CA LEU A 489 0.01 6.74 -6.54
C LEU A 489 0.66 6.43 -7.89
N GLN A 490 -0.06 5.72 -8.75
CA GLN A 490 0.46 5.41 -10.08
C GLN A 490 0.66 6.67 -10.91
N GLN A 491 -0.30 7.60 -10.84
CA GLN A 491 -0.19 8.86 -11.58
C GLN A 491 1.02 9.65 -11.06
N PHE A 492 1.33 9.51 -9.77
CA PHE A 492 2.45 10.21 -9.16
C PHE A 492 3.75 9.66 -9.75
N PHE A 493 3.75 8.37 -10.07
CA PHE A 493 4.90 7.74 -10.68
C PHE A 493 5.00 8.27 -12.11
N ASN A 494 3.86 8.26 -12.81
CA ASN A 494 3.82 8.73 -14.19
C ASN A 494 4.25 10.19 -14.26
N HIS A 495 3.77 10.99 -13.31
CA HIS A 495 4.06 12.42 -13.29
C HIS A 495 5.57 12.66 -13.17
N HIS A 496 6.21 11.94 -12.26
N HIS A 496 6.19 11.93 -12.28
CA HIS A 496 7.64 12.11 -12.02
CA HIS A 496 7.61 12.11 -12.03
C HIS A 496 8.57 11.46 -13.04
C HIS A 496 8.55 11.45 -13.05
N MET A 497 8.18 10.29 -13.54
CA MET A 497 9.01 9.55 -14.50
C MET A 497 8.91 10.12 -15.90
N PHE A 498 7.72 10.55 -16.30
CA PHE A 498 7.53 11.04 -17.65
C PHE A 498 7.18 12.51 -17.85
N LYS A 499 6.13 12.98 -17.19
CA LYS A 499 5.70 14.37 -17.35
C LYS A 499 6.72 15.43 -16.92
N LEU A 500 7.13 15.38 -15.65
CA LEU A 500 8.10 16.36 -15.16
C LEU A 500 9.44 16.23 -15.85
N GLU A 501 9.87 14.99 -16.08
CA GLU A 501 11.15 14.74 -16.74
C GLU A 501 11.22 15.46 -18.09
N GLN A 502 10.21 15.25 -18.93
CA GLN A 502 10.22 15.88 -20.24
C GLN A 502 10.03 17.39 -20.17
N GLU A 503 9.25 17.87 -19.19
CA GLU A 503 9.04 19.31 -19.05
C GLU A 503 10.37 19.99 -18.78
N GLU A 504 11.27 19.28 -18.09
CA GLU A 504 12.58 19.83 -17.79
C GLU A 504 13.36 19.98 -19.09
N TYR A 505 13.28 18.97 -19.95
CA TYR A 505 13.97 19.02 -21.23
C TYR A 505 13.44 20.17 -22.05
N LEU A 506 12.11 20.32 -22.05
CA LEU A 506 11.44 21.38 -22.80
C LEU A 506 11.93 22.75 -22.37
N LYS A 507 12.00 22.97 -21.06
CA LYS A 507 12.43 24.27 -20.55
C LYS A 507 13.90 24.53 -20.87
N GLU A 508 14.73 23.51 -20.74
CA GLU A 508 16.16 23.66 -21.01
C GLU A 508 16.47 23.65 -22.50
N LYS A 509 15.46 23.39 -23.32
CA LYS A 509 15.66 23.37 -24.77
C LYS A 509 16.94 22.65 -25.17
N ILE A 510 16.97 21.34 -24.99
CA ILE A 510 18.15 20.55 -25.35
C ILE A 510 17.86 19.73 -26.61
N ASN A 511 16.93 20.22 -27.42
CA ASN A 511 16.53 19.55 -28.65
C ASN A 511 15.92 18.19 -28.35
N TRP A 512 14.84 18.21 -27.58
CA TRP A 512 14.15 16.98 -27.21
C TRP A 512 12.75 17.00 -27.79
N THR A 513 12.43 15.97 -28.56
CA THR A 513 11.10 15.86 -29.14
C THR A 513 10.26 15.09 -28.12
N PHE A 514 9.13 15.67 -27.74
CA PHE A 514 8.24 15.06 -26.77
C PHE A 514 7.84 13.65 -27.16
N ILE A 515 7.79 12.76 -26.17
CA ILE A 515 7.38 11.38 -26.42
C ILE A 515 6.13 11.09 -25.59
N ASP A 516 5.13 10.50 -26.21
CA ASP A 516 3.90 10.17 -25.51
C ASP A 516 3.99 8.72 -25.06
N PHE A 517 4.21 8.51 -23.77
CA PHE A 517 4.34 7.15 -23.25
C PHE A 517 3.03 6.39 -23.07
N GLY A 518 1.90 7.08 -23.25
CA GLY A 518 0.62 6.41 -23.13
C GLY A 518 0.17 6.03 -21.72
N LEU A 519 0.82 6.59 -20.71
CA LEU A 519 0.46 6.30 -19.33
C LEU A 519 -0.13 7.54 -18.70
N ASP A 520 -1.44 7.50 -18.45
CA ASP A 520 -2.12 8.63 -17.85
C ASP A 520 -3.45 8.20 -17.22
N SER A 521 -3.50 8.29 -15.90
CA SER A 521 -4.70 7.90 -15.15
C SER A 521 -5.52 9.11 -14.73
N GLN A 522 -5.30 10.26 -15.36
CA GLN A 522 -6.04 11.46 -14.98
C GLN A 522 -7.54 11.32 -15.18
N ALA A 523 -7.96 10.76 -16.31
CA ALA A 523 -9.38 10.57 -16.59
C ALA A 523 -10.05 9.75 -15.49
N THR A 524 -9.44 8.63 -15.13
CA THR A 524 -10.02 7.78 -14.08
C THR A 524 -10.06 8.56 -12.77
N ILE A 525 -8.96 9.26 -12.48
CA ILE A 525 -8.89 10.06 -11.26
C ILE A 525 -9.96 11.14 -11.22
N ASP A 526 -10.18 11.84 -12.33
CA ASP A 526 -11.18 12.90 -12.38
C ASP A 526 -12.58 12.33 -12.26
N LEU A 527 -12.81 11.18 -12.90
CA LEU A 527 -14.11 10.53 -12.84
C LEU A 527 -14.46 10.27 -11.38
N ILE A 528 -13.46 10.00 -10.57
CA ILE A 528 -13.67 9.71 -9.16
C ILE A 528 -13.75 10.93 -8.25
N ASP A 529 -12.72 11.77 -8.26
CA ASP A 529 -12.70 12.92 -7.36
C ASP A 529 -12.93 14.31 -7.94
N GLY A 530 -13.32 14.40 -9.21
CA GLY A 530 -13.56 15.69 -9.82
C GLY A 530 -14.67 16.51 -9.16
N ARG A 531 -14.54 17.83 -9.20
CA ARG A 531 -15.56 18.71 -8.63
C ARG A 531 -16.36 19.42 -9.71
N GLN A 532 -15.68 19.84 -10.77
CA GLN A 532 -16.36 20.54 -11.86
C GLN A 532 -15.86 20.10 -13.22
N PRO A 533 -16.65 19.25 -13.91
CA PRO A 533 -17.93 18.76 -13.42
C PRO A 533 -17.71 17.76 -12.28
N PRO A 534 -18.75 17.52 -11.45
CA PRO A 534 -18.68 16.59 -10.32
C PRO A 534 -18.41 15.13 -10.67
N GLY A 535 -17.47 14.54 -9.94
CA GLY A 535 -17.16 13.14 -10.14
C GLY A 535 -18.02 12.27 -9.23
N ILE A 536 -17.67 10.99 -9.11
CA ILE A 536 -18.41 10.04 -8.27
C ILE A 536 -18.50 10.45 -6.80
N LEU A 537 -17.36 10.79 -6.21
CA LEU A 537 -17.33 11.18 -4.80
C LEU A 537 -18.15 12.43 -4.54
N ALA A 538 -18.18 13.34 -5.51
CA ALA A 538 -18.92 14.58 -5.37
C ALA A 538 -20.42 14.30 -5.42
N LEU A 539 -20.84 13.43 -6.33
CA LEU A 539 -22.25 13.08 -6.42
C LEU A 539 -22.69 12.24 -5.21
N LEU A 540 -21.76 11.49 -4.63
CA LEU A 540 -22.07 10.69 -3.45
C LEU A 540 -22.32 11.62 -2.27
N ASP A 541 -21.46 12.63 -2.12
CA ASP A 541 -21.61 13.61 -1.04
C ASP A 541 -22.94 14.35 -1.17
N GLU A 542 -23.26 14.76 -2.39
CA GLU A 542 -24.48 15.48 -2.67
C GLU A 542 -25.68 14.64 -2.22
N GLN A 543 -25.72 13.38 -2.67
CA GLN A 543 -26.80 12.47 -2.29
C GLN A 543 -26.78 12.26 -0.77
N SER A 544 -25.58 12.24 -0.19
CA SER A 544 -25.43 12.01 1.24
C SER A 544 -26.09 13.05 2.14
N VAL A 545 -26.39 14.23 1.60
CA VAL A 545 -27.04 15.26 2.40
C VAL A 545 -28.46 15.52 1.92
N PHE A 546 -28.89 14.75 0.93
CA PHE A 546 -30.23 14.85 0.39
C PHE A 546 -31.12 13.92 1.22
N PRO A 547 -32.04 14.50 2.01
CA PRO A 547 -32.99 13.81 2.89
C PRO A 547 -33.79 12.65 2.29
N ASN A 548 -34.00 12.65 0.98
CA ASN A 548 -34.77 11.57 0.36
C ASN A 548 -33.93 10.63 -0.52
N ALA A 549 -32.62 10.71 -0.37
CA ALA A 549 -31.72 9.86 -1.16
C ALA A 549 -31.71 8.40 -0.71
N THR A 550 -31.58 7.50 -1.67
CA THR A 550 -31.51 6.07 -1.40
C THR A 550 -30.35 5.51 -2.22
N ASP A 551 -29.92 4.30 -1.88
CA ASP A 551 -28.85 3.65 -2.62
C ASP A 551 -29.21 3.57 -4.10
N ASN A 552 -30.50 3.51 -4.38
N ASN A 552 -30.49 3.53 -4.37
CA ASN A 552 -30.99 3.46 -5.76
CA ASN A 552 -31.03 3.42 -5.72
C ASN A 552 -31.00 4.78 -6.52
C ASN A 552 -31.00 4.76 -6.46
N THR A 553 -31.36 5.86 -5.81
CA THR A 553 -31.37 7.18 -6.41
C THR A 553 -29.90 7.54 -6.68
N LEU A 554 -29.03 7.13 -5.76
CA LEU A 554 -27.60 7.39 -5.91
C LEU A 554 -27.01 6.77 -7.17
N ILE A 555 -27.25 5.48 -7.40
CA ILE A 555 -26.68 4.87 -8.60
C ILE A 555 -27.35 5.39 -9.86
N THR A 556 -28.62 5.77 -9.76
CA THR A 556 -29.32 6.33 -10.90
C THR A 556 -28.64 7.64 -11.24
N LYS A 557 -28.32 8.41 -10.20
CA LYS A 557 -27.63 9.69 -10.38
C LYS A 557 -26.27 9.45 -11.07
N LEU A 558 -25.51 8.47 -10.58
CA LEU A 558 -24.20 8.15 -11.17
C LEU A 558 -24.32 7.78 -12.64
N HIS A 559 -25.27 6.91 -12.97
CA HIS A 559 -25.46 6.50 -14.35
C HIS A 559 -25.84 7.73 -15.21
N SER A 560 -26.68 8.59 -14.65
CA SER A 560 -27.12 9.78 -15.37
C SER A 560 -25.95 10.65 -15.82
N HIS A 561 -25.02 10.88 -14.89
CA HIS A 561 -23.86 11.71 -15.19
C HIS A 561 -22.75 11.06 -15.99
N PHE A 562 -22.60 9.74 -15.87
CA PHE A 562 -21.48 9.08 -16.56
C PHE A 562 -21.77 8.02 -17.60
N SER A 563 -22.93 7.36 -17.51
CA SER A 563 -23.23 6.32 -18.48
C SER A 563 -23.16 6.83 -19.92
N LYS A 564 -22.32 6.18 -20.73
CA LYS A 564 -22.13 6.54 -22.13
C LYS A 564 -21.54 7.93 -22.35
N LYS A 565 -21.07 8.56 -21.27
CA LYS A 565 -20.47 9.89 -21.40
C LYS A 565 -19.01 9.92 -20.96
N ASN A 566 -18.66 9.11 -19.97
CA ASN A 566 -17.28 9.08 -19.51
C ASN A 566 -16.69 7.73 -19.91
N ALA A 567 -15.58 7.77 -20.64
CA ALA A 567 -14.93 6.56 -21.14
C ALA A 567 -14.40 5.58 -20.10
N LYS A 568 -14.26 6.02 -18.85
CA LYS A 568 -13.76 5.14 -17.79
C LYS A 568 -14.87 4.59 -16.91
N TYR A 569 -16.10 4.92 -17.27
CA TYR A 569 -17.27 4.49 -16.51
C TYR A 569 -18.15 3.58 -17.34
N GLU A 570 -18.78 2.62 -16.67
CA GLU A 570 -19.67 1.73 -17.38
C GLU A 570 -20.89 1.37 -16.56
N GLU A 571 -22.05 1.48 -17.18
CA GLU A 571 -23.29 1.10 -16.56
C GLU A 571 -23.47 -0.33 -17.07
N PRO A 572 -23.40 -1.32 -16.17
CA PRO A 572 -23.55 -2.72 -16.61
C PRO A 572 -24.98 -3.04 -17.05
N ARG A 573 -25.10 -3.94 -18.02
CA ARG A 573 -26.40 -4.37 -18.53
C ARG A 573 -26.95 -5.53 -17.68
N PHE A 574 -26.06 -6.16 -16.93
CA PHE A 574 -26.39 -7.31 -16.10
C PHE A 574 -26.76 -6.98 -14.65
N SER A 575 -26.79 -5.71 -14.30
CA SER A 575 -27.11 -5.29 -12.95
C SER A 575 -27.64 -3.87 -12.88
N LYS A 576 -28.41 -3.58 -11.83
CA LYS A 576 -28.96 -2.24 -11.63
C LYS A 576 -28.39 -1.60 -10.36
N THR A 577 -27.50 -2.31 -9.69
CA THR A 577 -26.89 -1.80 -8.46
C THR A 577 -25.37 -1.70 -8.52
N GLU A 578 -24.80 -1.81 -9.71
CA GLU A 578 -23.35 -1.73 -9.85
C GLU A 578 -22.89 -0.80 -10.96
N PHE A 579 -21.68 -0.31 -10.85
CA PHE A 579 -21.11 0.55 -11.88
C PHE A 579 -19.63 0.18 -11.99
N GLY A 580 -19.08 0.24 -13.19
CA GLY A 580 -17.69 -0.11 -13.38
C GLY A 580 -16.78 1.07 -13.61
N VAL A 581 -15.58 0.99 -13.03
CA VAL A 581 -14.57 2.04 -13.19
C VAL A 581 -13.35 1.35 -13.79
N THR A 582 -12.84 1.89 -14.88
CA THR A 582 -11.66 1.35 -15.52
C THR A 582 -10.44 1.99 -14.88
N HIS A 583 -9.79 1.22 -14.01
CA HIS A 583 -8.59 1.65 -13.30
C HIS A 583 -7.38 1.25 -14.14
N TYR A 584 -6.23 1.80 -13.80
CA TYR A 584 -4.99 1.47 -14.52
C TYR A 584 -4.72 -0.04 -14.39
N ALA A 585 -5.08 -0.60 -13.24
CA ALA A 585 -4.86 -2.04 -13.00
C ALA A 585 -5.99 -2.96 -13.44
N GLY A 586 -7.02 -2.42 -14.09
CA GLY A 586 -8.13 -3.23 -14.54
C GLY A 586 -9.48 -2.66 -14.15
N GLN A 587 -10.54 -3.11 -14.82
CA GLN A 587 -11.88 -2.62 -14.52
C GLN A 587 -12.41 -3.28 -13.26
N VAL A 588 -13.08 -2.48 -12.44
CA VAL A 588 -13.67 -2.98 -11.21
C VAL A 588 -15.14 -2.60 -11.15
N MET A 589 -15.98 -3.58 -10.81
CA MET A 589 -17.41 -3.36 -10.68
C MET A 589 -17.70 -3.13 -9.20
N TYR A 590 -18.34 -2.00 -8.91
CA TYR A 590 -18.67 -1.63 -7.53
C TYR A 590 -20.16 -1.75 -7.23
N GLU A 591 -20.47 -2.38 -6.10
CA GLU A 591 -21.84 -2.57 -5.63
C GLU A 591 -22.17 -1.37 -4.74
N ILE A 592 -23.26 -0.68 -5.07
CA ILE A 592 -23.68 0.53 -4.37
C ILE A 592 -24.38 0.39 -3.01
N GLN A 593 -24.72 -0.85 -2.64
CA GLN A 593 -25.40 -1.10 -1.37
C GLN A 593 -24.67 -0.47 -0.18
N ASP A 594 -25.42 0.32 0.61
CA ASP A 594 -24.91 0.98 1.81
C ASP A 594 -23.94 2.14 1.62
N TRP A 595 -23.70 2.59 0.39
CA TRP A 595 -22.76 3.68 0.20
C TRP A 595 -23.16 4.97 0.95
N LEU A 596 -24.44 5.28 0.98
CA LEU A 596 -24.88 6.48 1.66
C LEU A 596 -24.57 6.39 3.14
N GLU A 597 -24.93 5.27 3.77
CA GLU A 597 -24.66 5.13 5.19
C GLU A 597 -23.17 5.10 5.49
N LYS A 598 -22.40 4.44 4.63
CA LYS A 598 -20.96 4.38 4.85
C LYS A 598 -20.31 5.76 4.70
N ASN A 599 -20.85 6.57 3.78
CA ASN A 599 -20.31 7.90 3.56
C ASN A 599 -20.70 8.85 4.69
N LYS A 600 -21.91 8.69 5.22
CA LYS A 600 -22.40 9.54 6.31
C LYS A 600 -21.79 9.07 7.63
N ASP A 601 -21.52 7.78 7.72
CA ASP A 601 -20.92 7.19 8.92
C ASP A 601 -21.62 7.63 10.22
N PRO A 602 -22.94 7.41 10.30
CA PRO A 602 -23.73 7.79 11.47
C PRO A 602 -23.46 7.02 12.75
N LEU A 603 -23.84 7.63 13.86
CA LEU A 603 -23.69 7.05 15.19
C LEU A 603 -24.65 7.80 16.10
N GLN A 604 -25.67 7.12 16.58
CA GLN A 604 -26.66 7.76 17.46
C GLN A 604 -25.97 8.48 18.61
N GLN A 605 -26.34 9.74 18.82
CA GLN A 605 -25.76 10.53 19.89
C GLN A 605 -25.98 9.89 21.25
N ASP A 606 -27.12 9.24 21.47
CA ASP A 606 -27.37 8.60 22.76
C ASP A 606 -26.33 7.51 23.03
N LEU A 607 -25.78 6.91 21.98
CA LEU A 607 -24.76 5.88 22.18
C LEU A 607 -23.51 6.56 22.70
N GLU A 608 -23.18 7.71 22.11
CA GLU A 608 -22.01 8.46 22.54
C GLU A 608 -22.15 8.95 23.98
N LEU A 609 -23.35 9.36 24.35
CA LEU A 609 -23.61 9.83 25.72
C LEU A 609 -23.40 8.68 26.71
N CYS A 610 -23.88 7.50 26.35
CA CYS A 610 -23.74 6.32 27.19
C CYS A 610 -22.27 6.00 27.48
N PHE A 611 -21.43 6.03 26.46
CA PHE A 611 -20.01 5.72 26.64
C PHE A 611 -19.16 6.86 27.21
N LYS A 612 -19.65 8.08 27.13
CA LYS A 612 -18.90 9.20 27.69
C LYS A 612 -18.86 9.02 29.20
N ASP A 613 -19.86 8.31 29.73
CA ASP A 613 -19.94 8.04 31.17
C ASP A 613 -19.27 6.75 31.56
N SER A 614 -18.43 6.22 30.68
CA SER A 614 -17.72 4.98 30.97
C SER A 614 -16.77 5.16 32.15
N SER A 615 -16.65 4.11 32.95
CA SER A 615 -15.77 4.15 34.11
C SER A 615 -14.34 3.85 33.68
N ASP A 616 -14.16 3.48 32.42
CA ASP A 616 -12.83 3.13 31.92
C ASP A 616 -12.08 4.33 31.37
N ASN A 617 -10.84 4.50 31.80
CA ASN A 617 -10.00 5.61 31.37
C ASN A 617 -9.79 5.67 29.86
N VAL A 618 -9.60 4.52 29.22
CA VAL A 618 -9.40 4.51 27.78
C VAL A 618 -10.69 4.78 27.02
N VAL A 619 -11.76 4.08 27.39
CA VAL A 619 -13.06 4.26 26.74
C VAL A 619 -13.52 5.72 26.84
N THR A 620 -13.36 6.34 28.01
CA THR A 620 -13.79 7.72 28.21
C THR A 620 -13.04 8.68 27.28
N LYS A 621 -11.79 8.37 26.97
CA LYS A 621 -11.01 9.22 26.08
C LYS A 621 -11.42 9.07 24.63
N LEU A 622 -11.90 7.89 24.27
CA LEU A 622 -12.35 7.64 22.90
C LEU A 622 -13.60 8.45 22.58
N PHE A 623 -14.36 8.81 23.60
CA PHE A 623 -15.59 9.58 23.42
C PHE A 623 -15.57 11.02 23.92
N ASN A 624 -14.50 11.41 24.62
CA ASN A 624 -14.39 12.77 25.14
C ASN A 624 -13.31 13.57 24.43
N ASP A 625 -12.24 12.91 24.01
CA ASP A 625 -11.16 13.56 23.29
C ASP A 625 -11.69 14.05 21.95
N PRO A 626 -11.77 15.39 21.75
CA PRO A 626 -12.26 15.98 20.50
C PRO A 626 -11.46 15.60 19.25
N ASN A 627 -10.17 15.35 19.42
CA ASN A 627 -9.32 14.99 18.30
C ASN A 627 -9.59 13.56 17.87
N ILE A 628 -10.31 12.82 18.70
CA ILE A 628 -10.64 11.44 18.41
C ILE A 628 -12.15 11.23 18.26
N ALA A 629 -12.92 11.94 19.09
CA ALA A 629 -14.38 11.83 19.08
C ALA A 629 -15.16 12.91 18.34
N SER A 630 -14.53 14.05 18.06
CA SER A 630 -15.22 15.13 17.36
C SER A 630 -15.14 14.95 15.85
N ARG A 631 -16.05 15.60 15.15
CA ARG A 631 -16.08 15.49 13.69
C ARG A 631 -16.26 16.86 13.08
N ALA A 632 -15.48 17.15 12.04
CA ALA A 632 -15.55 18.43 11.36
C ALA A 632 -16.98 18.64 10.87
N LYS A 633 -17.70 19.56 11.51
CA LYS A 633 -19.07 19.85 11.12
C LYS A 633 -19.05 20.97 10.11
N LYS A 634 -18.11 20.90 9.17
CA LYS A 634 -17.97 21.93 8.15
C LYS A 634 -19.25 22.02 7.31
N GLY A 635 -20.04 23.05 7.60
CA GLY A 635 -21.30 23.26 6.90
C GLY A 635 -22.45 23.01 7.85
N ALA A 636 -23.61 22.65 7.31
CA ALA A 636 -24.77 22.36 8.15
C ALA A 636 -24.79 20.86 8.41
N ASN A 637 -23.74 20.18 7.95
CA ASN A 637 -23.61 18.74 8.11
C ASN A 637 -22.18 18.37 8.47
N PHE A 638 -22.02 17.18 9.03
CA PHE A 638 -20.70 16.69 9.38
C PHE A 638 -20.01 16.32 8.06
N ILE A 639 -18.69 16.52 8.01
CA ILE A 639 -17.94 16.20 6.81
C ILE A 639 -18.12 14.70 6.54
N THR A 640 -18.23 14.33 5.27
CA THR A 640 -18.42 12.93 4.90
C THR A 640 -17.07 12.20 4.86
N VAL A 641 -17.12 10.87 4.84
CA VAL A 641 -15.91 10.06 4.77
C VAL A 641 -15.15 10.43 3.49
N ALA A 642 -15.89 10.51 2.39
CA ALA A 642 -15.30 10.86 1.10
C ALA A 642 -14.56 12.20 1.12
N ALA A 643 -15.22 13.24 1.63
CA ALA A 643 -14.60 14.57 1.70
C ALA A 643 -13.42 14.57 2.65
N GLN A 644 -13.55 13.84 3.75
CA GLN A 644 -12.48 13.75 4.72
C GLN A 644 -11.25 13.07 4.12
N TYR A 645 -11.47 11.92 3.50
CA TYR A 645 -10.36 11.17 2.92
C TYR A 645 -9.75 11.88 1.71
N LYS A 646 -10.59 12.42 0.84
CA LYS A 646 -10.08 13.13 -0.33
C LYS A 646 -9.10 14.19 0.17
N GLU A 647 -9.48 14.84 1.26
CA GLU A 647 -8.68 15.88 1.89
C GLU A 647 -7.35 15.35 2.42
N GLN A 648 -7.41 14.29 3.22
CA GLN A 648 -6.19 13.71 3.78
C GLN A 648 -5.24 13.26 2.67
N LEU A 649 -5.80 12.73 1.60
CA LEU A 649 -5.00 12.26 0.49
C LEU A 649 -4.33 13.41 -0.26
N ALA A 650 -5.06 14.51 -0.44
CA ALA A 650 -4.51 15.68 -1.13
C ALA A 650 -3.35 16.24 -0.31
N SER A 651 -3.49 16.16 1.02
CA SER A 651 -2.47 16.63 1.92
C SER A 651 -1.21 15.77 1.79
N LEU A 652 -1.41 14.45 1.76
CA LEU A 652 -0.30 13.50 1.61
C LEU A 652 0.46 13.76 0.31
N MET A 653 -0.28 13.89 -0.78
CA MET A 653 0.31 14.13 -2.09
C MET A 653 1.10 15.43 -2.13
N ALA A 654 0.58 16.46 -1.45
CA ALA A 654 1.26 17.74 -1.42
C ALA A 654 2.57 17.57 -0.67
N THR A 655 2.55 16.78 0.40
CA THR A 655 3.75 16.51 1.18
C THR A 655 4.77 15.77 0.33
N LEU A 656 4.33 14.70 -0.32
CA LEU A 656 5.23 13.91 -1.15
C LEU A 656 5.91 14.79 -2.19
N GLU A 657 5.19 15.78 -2.69
CA GLU A 657 5.74 16.68 -3.69
C GLU A 657 6.89 17.55 -3.17
N THR A 658 7.04 17.61 -1.85
CA THR A 658 8.12 18.41 -1.27
C THR A 658 9.30 17.50 -0.94
N THR A 659 9.30 16.30 -1.50
CA THR A 659 10.38 15.36 -1.26
C THR A 659 10.94 14.85 -2.56
N ASN A 660 12.08 14.17 -2.47
CA ASN A 660 12.72 13.57 -3.61
C ASN A 660 12.24 12.11 -3.50
N PRO A 661 11.40 11.66 -4.45
CA PRO A 661 10.84 10.31 -4.47
C PRO A 661 11.71 9.17 -4.99
N HIS A 662 11.55 8.00 -4.36
CA HIS A 662 12.26 6.77 -4.73
C HIS A 662 11.17 5.71 -4.82
N PHE A 663 11.08 5.04 -5.96
CA PHE A 663 10.05 4.05 -6.19
C PHE A 663 10.49 2.60 -6.12
N VAL A 664 9.65 1.78 -5.50
CA VAL A 664 9.86 0.35 -5.39
C VAL A 664 8.55 -0.25 -5.90
N ARG A 665 8.61 -0.97 -7.01
CA ARG A 665 7.42 -1.59 -7.58
C ARG A 665 7.35 -3.08 -7.16
N CYS A 666 6.49 -3.37 -6.20
CA CYS A 666 6.34 -4.75 -5.76
C CYS A 666 5.44 -5.49 -6.74
N ILE A 667 5.86 -6.71 -7.07
CA ILE A 667 5.15 -7.53 -8.04
C ILE A 667 4.78 -8.89 -7.43
N ILE A 668 3.51 -9.26 -7.55
CA ILE A 668 3.06 -10.55 -7.02
C ILE A 668 3.25 -11.58 -8.15
N PRO A 669 3.87 -12.72 -7.85
CA PRO A 669 4.12 -13.76 -8.87
C PRO A 669 2.89 -14.54 -9.34
N ASN A 670 1.89 -14.63 -8.47
CA ASN A 670 0.68 -15.37 -8.82
C ASN A 670 -0.41 -14.94 -7.85
N ASN A 671 -1.57 -15.58 -7.94
CA ASN A 671 -2.69 -15.26 -7.07
C ASN A 671 -3.02 -16.41 -6.12
N LYS A 672 -2.01 -17.21 -5.79
CA LYS A 672 -2.20 -18.34 -4.91
C LYS A 672 -1.29 -18.27 -3.68
N GLN A 673 -0.57 -17.16 -3.53
CA GLN A 673 0.34 -16.98 -2.41
C GLN A 673 1.32 -18.16 -2.29
N LEU A 674 1.76 -18.65 -3.44
CA LEU A 674 2.70 -19.77 -3.51
C LEU A 674 4.10 -19.38 -4.01
N PRO A 675 5.14 -20.00 -3.44
CA PRO A 675 6.51 -19.70 -3.86
C PRO A 675 6.85 -20.45 -5.15
N ALA A 676 8.00 -20.13 -5.73
CA ALA A 676 8.46 -20.80 -6.94
C ALA A 676 7.38 -21.05 -7.99
N LYS A 677 6.48 -20.08 -8.18
CA LYS A 677 5.43 -20.23 -9.18
C LYS A 677 5.15 -18.89 -9.86
N LEU A 678 6.09 -18.48 -10.68
CA LEU A 678 5.98 -17.22 -11.41
C LEU A 678 5.07 -17.41 -12.62
N GLU A 679 3.90 -16.76 -12.60
CA GLU A 679 2.95 -16.86 -13.70
C GLU A 679 3.05 -15.65 -14.61
N ASP A 680 3.43 -15.90 -15.86
CA ASP A 680 3.62 -14.84 -16.84
C ASP A 680 2.45 -13.87 -17.06
N LYS A 681 1.23 -14.40 -17.18
CA LYS A 681 0.07 -13.54 -17.39
C LYS A 681 -0.12 -12.59 -16.20
N VAL A 682 -0.02 -13.13 -14.98
CA VAL A 682 -0.18 -12.31 -13.78
C VAL A 682 0.92 -11.25 -13.67
N VAL A 683 2.16 -11.65 -13.89
CA VAL A 683 3.30 -10.74 -13.80
C VAL A 683 3.30 -9.68 -14.91
N LEU A 684 3.05 -10.10 -16.14
CA LEU A 684 3.04 -9.16 -17.26
C LEU A 684 1.97 -8.08 -17.11
N ASP A 685 0.79 -8.45 -16.61
CA ASP A 685 -0.27 -7.48 -16.41
C ASP A 685 0.23 -6.36 -15.50
N GLN A 686 0.92 -6.73 -14.44
CA GLN A 686 1.45 -5.75 -13.49
C GLN A 686 2.56 -4.92 -14.11
N LEU A 687 3.44 -5.56 -14.87
CA LEU A 687 4.53 -4.83 -15.50
C LEU A 687 3.95 -3.79 -16.46
N ARG A 688 2.89 -4.16 -17.17
CA ARG A 688 2.26 -3.25 -18.10
C ARG A 688 1.61 -2.07 -17.39
N CYS A 689 0.66 -2.34 -16.49
CA CYS A 689 -0.04 -1.24 -15.84
C CYS A 689 0.84 -0.42 -14.88
N ASN A 690 1.98 -0.95 -14.48
CA ASN A 690 2.90 -0.20 -13.61
C ASN A 690 3.73 0.78 -14.45
N GLY A 691 3.79 0.52 -15.76
CA GLY A 691 4.59 1.35 -16.64
C GLY A 691 6.07 1.10 -16.45
N VAL A 692 6.43 -0.16 -16.17
CA VAL A 692 7.83 -0.56 -15.94
C VAL A 692 8.72 -0.39 -17.18
N LEU A 693 8.27 -0.89 -18.33
CA LEU A 693 9.07 -0.78 -19.54
C LEU A 693 9.18 0.67 -20.00
N GLU A 694 8.09 1.43 -19.86
CA GLU A 694 8.10 2.83 -20.25
C GLU A 694 9.09 3.56 -19.36
N GLY A 695 9.14 3.19 -18.09
CA GLY A 695 10.07 3.80 -17.16
C GLY A 695 11.51 3.51 -17.54
N ILE A 696 11.75 2.33 -18.12
CA ILE A 696 13.09 1.97 -18.54
C ILE A 696 13.46 2.73 -19.81
N ARG A 697 12.51 2.82 -20.74
CA ARG A 697 12.76 3.52 -21.99
C ARG A 697 13.09 4.99 -21.77
N ILE A 698 12.32 5.66 -20.91
CA ILE A 698 12.56 7.07 -20.64
C ILE A 698 13.98 7.25 -20.09
N THR A 699 14.45 6.23 -19.38
CA THR A 699 15.78 6.25 -18.79
C THR A 699 16.88 6.05 -19.83
N ARG A 700 16.60 5.24 -20.86
CA ARG A 700 17.56 4.96 -21.91
C ARG A 700 17.61 6.09 -22.95
N LYS A 701 16.45 6.53 -23.39
CA LYS A 701 16.36 7.60 -24.39
C LYS A 701 16.50 8.99 -23.79
N GLY A 702 16.41 9.08 -22.47
CA GLY A 702 16.51 10.37 -21.82
C GLY A 702 17.85 10.80 -21.30
N PHE A 703 17.83 11.87 -20.51
CA PHE A 703 19.03 12.46 -19.92
C PHE A 703 18.81 12.63 -18.43
N PRO A 704 19.01 11.56 -17.65
CA PRO A 704 18.85 11.58 -16.20
C PRO A 704 19.44 12.69 -15.33
N ASN A 705 20.76 12.82 -15.38
CA ASN A 705 21.47 13.83 -14.59
C ASN A 705 21.66 15.15 -15.31
N ARG A 706 21.67 16.24 -14.53
CA ARG A 706 21.82 17.58 -15.09
C ARG A 706 22.19 18.60 -14.01
N ILE A 707 23.17 19.44 -14.29
CA ILE A 707 23.62 20.47 -13.33
C ILE A 707 23.75 21.85 -13.97
N ILE A 708 23.36 22.88 -13.22
CA ILE A 708 23.46 24.25 -13.71
C ILE A 708 24.91 24.56 -14.05
N TYR A 709 25.13 25.26 -15.15
CA TYR A 709 26.48 25.62 -15.59
C TYR A 709 27.28 26.30 -14.49
N ALA A 710 26.83 27.48 -14.09
CA ALA A 710 27.49 28.26 -13.05
C ALA A 710 27.94 27.38 -11.90
N ASP A 711 27.09 26.44 -11.50
CA ASP A 711 27.41 25.53 -10.40
C ASP A 711 27.85 24.15 -10.87
N PHE A 712 28.58 24.12 -11.99
CA PHE A 712 29.09 22.87 -12.55
C PHE A 712 30.61 22.93 -12.53
N VAL A 713 31.13 23.93 -11.85
CA VAL A 713 32.58 24.13 -11.76
C VAL A 713 33.24 23.02 -10.95
N LYS A 714 33.28 21.81 -11.51
CA LYS A 714 33.99 20.65 -10.95
C LYS A 714 33.75 20.37 -9.47
N ARG A 715 32.52 20.02 -9.11
CA ARG A 715 32.23 19.48 -7.79
C ARG A 715 33.17 18.37 -7.38
N TYR A 716 33.79 17.74 -8.38
CA TYR A 716 34.78 16.68 -8.18
C TYR A 716 35.76 17.06 -7.07
N ARG A 725 38.71 26.75 -13.09
CA ARG A 725 38.40 28.16 -13.28
C ARG A 725 36.97 28.45 -12.83
N ASP A 726 36.55 29.72 -12.90
CA ASP A 726 35.20 30.11 -12.48
C ASP A 726 34.62 31.25 -13.33
N ALA A 727 33.92 30.89 -14.41
CA ALA A 727 33.30 31.89 -15.29
C ALA A 727 31.81 31.69 -15.51
N GLU A 728 31.29 30.53 -15.11
CA GLU A 728 29.87 30.20 -15.27
C GLU A 728 29.42 30.00 -16.71
N ASP A 729 30.08 29.06 -17.40
CA ASP A 729 29.78 28.76 -18.80
C ASP A 729 29.98 27.28 -19.12
N SER A 730 30.49 26.54 -18.15
CA SER A 730 30.80 25.13 -18.36
C SER A 730 31.70 25.15 -19.58
N GLN A 731 32.23 26.34 -19.83
CA GLN A 731 33.03 26.66 -20.99
C GLN A 731 34.19 25.75 -21.28
N LYS A 732 34.07 25.07 -22.43
CA LYS A 732 35.05 24.14 -22.95
C LYS A 732 35.54 23.19 -21.85
N ALA A 733 34.72 23.03 -20.82
CA ALA A 733 35.04 22.11 -19.73
C ALA A 733 34.86 20.72 -20.32
N THR A 734 34.98 20.65 -21.64
CA THR A 734 34.87 19.42 -22.41
C THR A 734 35.96 18.49 -21.89
N ASP A 735 35.55 17.48 -21.13
CA ASP A 735 36.50 16.49 -20.60
C ASP A 735 36.46 15.25 -21.47
N ALA A 736 36.95 15.40 -22.71
CA ALA A 736 36.99 14.30 -23.67
C ALA A 736 37.61 13.04 -23.07
N ASP A 744 31.86 13.00 -24.95
CA ASP A 744 31.19 12.52 -26.16
C ASP A 744 30.00 13.41 -26.51
N PRO A 745 30.03 14.04 -27.70
CA PRO A 745 28.98 14.94 -28.19
C PRO A 745 27.58 14.34 -28.23
N GLU A 746 27.48 13.02 -28.11
CA GLU A 746 26.19 12.34 -28.13
C GLU A 746 25.67 12.00 -26.74
N GLN A 747 26.59 11.83 -25.80
CA GLN A 747 26.25 11.47 -24.43
C GLN A 747 25.88 12.66 -23.54
N TYR A 748 25.40 13.75 -24.15
CA TYR A 748 25.01 14.93 -23.39
C TYR A 748 24.38 16.03 -24.23
N ARG A 749 23.92 17.07 -23.56
CA ARG A 749 23.29 18.23 -24.20
C ARG A 749 23.50 19.48 -23.34
N PHE A 750 23.17 20.64 -23.89
CA PHE A 750 23.32 21.91 -23.17
C PHE A 750 22.02 22.70 -23.13
N GLY A 751 21.45 22.81 -21.93
CA GLY A 751 20.20 23.53 -21.77
C GLY A 751 20.39 25.00 -21.47
N ILE A 752 19.30 25.75 -21.56
CA ILE A 752 19.30 27.18 -21.31
C ILE A 752 20.07 27.56 -20.03
N THR A 753 20.14 26.64 -19.06
CA THR A 753 20.85 26.95 -17.82
C THR A 753 21.55 25.76 -17.20
N LYS A 754 21.55 24.63 -17.90
CA LYS A 754 22.18 23.43 -17.38
C LYS A 754 22.75 22.55 -18.47
N ILE A 755 23.56 21.58 -18.08
CA ILE A 755 24.15 20.64 -19.01
C ILE A 755 23.63 19.25 -18.59
N PHE A 756 23.06 18.52 -19.54
CA PHE A 756 22.52 17.19 -19.28
C PHE A 756 23.47 16.07 -19.66
N PHE A 757 23.19 14.87 -19.14
CA PHE A 757 24.02 13.70 -19.41
C PHE A 757 23.14 12.51 -19.85
N ARG A 758 23.61 11.79 -20.87
CA ARG A 758 22.87 10.65 -21.44
C ARG A 758 22.45 9.60 -20.43
N ALA A 759 23.41 8.83 -19.90
CA ALA A 759 23.06 7.80 -18.92
C ALA A 759 24.17 7.70 -17.87
N GLY A 760 25.32 7.19 -18.30
CA GLY A 760 26.44 7.03 -17.38
C GLY A 760 27.36 8.24 -17.32
N GLN A 761 27.75 8.60 -16.10
CA GLN A 761 28.64 9.73 -15.88
C GLN A 761 30.10 9.28 -15.88
#